data_1G29
#
_entry.id   1G29
#
_cell.length_a   190.718
_cell.length_b   65.705
_cell.length_c   77.912
_cell.angle_alpha   90.00
_cell.angle_beta   90.00
_cell.angle_gamma   90.00
#
_symmetry.space_group_name_H-M   'P 21 21 2'
#
loop_
_entity.id
_entity.type
_entity.pdbx_description
1 polymer 'MALTOSE TRANSPORT PROTEIN MALK'
2 non-polymer 'AMMONIUM ION'
3 non-polymer 'CHLORIDE ION'
4 non-polymer 'SODIUM ION'
5 non-polymer 'MAGNESIUM ION'
6 non-polymer 'PYROPHOSPHATE 2-'
7 non-polymer '1,4-DIETHYLENE DIOXIDE'
8 water water
#
_entity_poly.entity_id   1
_entity_poly.type   'polypeptide(L)'
_entity_poly.pdbx_seq_one_letter_code
;MAGVRLVDVWKVFGEVTAVREMSLEVKDGEFMILLGPSGCGKTTTLRMIAGLEEPSRGQIYIGDKLVADPEKGIFVPPKD
RDIAMVFQSYALYPHMTVYDNIAFPLKLRKVPRQEIDQRVREVAELLGLTELLNRKPRELSGGQRQRVALGRAIVRKPQV
FLMDEPLSNLDAKLRVRMRAELKKLQRQLGVTTIYVTHDQVEAMTMGDRIAVMNRGVLQQVGSPDEVYDKPANTFVAGFI
GSPPMNFLDAIVTEDGFVDFGEFRLKLLPDQFEVLGELGYVGREVIFGIRPEDLYDAMFAQVRVPGENLVRAVVEIVENL
GSERIVRLRVGGVTFVGSFRSESRVREGVEVDVVFDMKKIHIFDKTTGKAIF
;
_entity_poly.pdbx_strand_id   1,2
#
# COMPACT_ATOMS: atom_id res chain seq x y z
N MET A 1 3.54 0.41 29.06
CA MET A 1 3.18 -0.20 27.74
C MET A 1 3.28 0.79 26.57
N ALA A 2 4.38 0.66 25.81
CA ALA A 2 4.62 1.50 24.65
C ALA A 2 3.75 0.93 23.55
N GLY A 3 3.40 1.79 22.59
CA GLY A 3 2.61 1.37 21.46
C GLY A 3 3.50 0.53 20.54
N VAL A 4 4.73 1.00 20.31
CA VAL A 4 5.63 0.23 19.44
C VAL A 4 6.99 0.36 20.06
N ARG A 5 7.75 -0.73 20.02
CA ARG A 5 9.08 -0.71 20.61
C ARG A 5 10.10 -1.43 19.75
N LEU A 6 11.26 -0.78 19.55
CA LEU A 6 12.40 -1.36 18.83
C LEU A 6 13.47 -1.46 19.90
N VAL A 7 14.12 -2.61 19.97
CA VAL A 7 15.17 -2.82 20.95
C VAL A 7 16.42 -3.29 20.21
N ASP A 8 17.44 -2.44 20.18
CA ASP A 8 18.71 -2.77 19.55
C ASP A 8 18.56 -3.34 18.15
N VAL A 9 17.74 -2.66 17.33
CA VAL A 9 17.47 -3.12 16.00
C VAL A 9 18.49 -2.71 14.95
N TRP A 10 18.94 -3.70 14.20
CA TRP A 10 19.90 -3.48 13.13
C TRP A 10 19.33 -4.00 11.83
N LYS A 11 19.71 -3.36 10.73
CA LYS A 11 19.41 -3.90 9.43
C LYS A 11 20.69 -3.69 8.62
N VAL A 12 21.26 -4.80 8.14
CA VAL A 12 22.48 -4.71 7.35
C VAL A 12 22.32 -5.45 6.01
N PHE A 13 23.16 -5.09 5.06
CA PHE A 13 23.22 -5.71 3.74
C PHE A 13 24.73 -5.81 3.51
N GLY A 14 25.36 -6.93 3.86
CA GLY A 14 26.80 -7.04 3.68
C GLY A 14 27.53 -6.03 4.57
N GLU A 15 28.43 -5.23 4.00
CA GLU A 15 29.18 -4.25 4.77
C GLU A 15 28.38 -2.98 4.97
N VAL A 16 27.23 -2.88 4.32
CA VAL A 16 26.39 -1.69 4.42
C VAL A 16 25.42 -1.83 5.60
N THR A 17 25.25 -0.78 6.39
CA THR A 17 24.34 -0.83 7.52
C THR A 17 23.22 0.21 7.25
N ALA A 18 22.00 -0.26 7.06
CA ALA A 18 20.87 0.68 6.83
C ALA A 18 20.39 1.24 8.15
N VAL A 19 20.33 0.41 9.21
CA VAL A 19 19.89 0.86 10.53
C VAL A 19 20.83 0.24 11.56
N ARG A 20 21.33 1.07 12.48
CA ARG A 20 22.33 0.59 13.47
C ARG A 20 21.89 0.65 14.93
N GLU A 21 21.71 -0.51 15.55
CA GLU A 21 21.36 -0.63 16.98
C GLU A 21 20.38 0.43 17.47
N MET A 22 19.21 0.47 16.84
CA MET A 22 18.23 1.47 17.17
C MET A 22 17.25 0.96 18.21
N SER A 23 17.07 1.74 19.27
CA SER A 23 16.11 1.40 20.33
C SER A 23 15.21 2.64 20.31
N LEU A 24 13.92 2.39 20.22
CA LEU A 24 12.99 3.50 20.14
C LEU A 24 11.73 3.05 20.80
N GLU A 25 11.17 3.88 21.69
CA GLU A 25 9.94 3.50 22.33
C GLU A 25 8.87 4.58 21.93
N VAL A 26 7.88 4.16 21.16
CA VAL A 26 6.82 5.04 20.67
C VAL A 26 5.65 4.93 21.64
N LYS A 27 5.25 6.05 22.24
CA LYS A 27 4.14 6.02 23.21
C LYS A 27 2.80 5.74 22.59
N ASP A 28 2.00 4.99 23.34
CA ASP A 28 0.67 4.64 22.88
C ASP A 28 -0.08 5.94 22.64
N GLY A 29 -0.67 6.06 21.47
CA GLY A 29 -1.44 7.25 21.09
C GLY A 29 -0.68 8.47 20.58
N GLU A 30 0.65 8.40 20.51
CA GLU A 30 1.37 9.59 20.08
C GLU A 30 1.62 9.58 18.56
N PHE A 31 1.86 10.76 18.01
CA PHE A 31 2.17 10.96 16.59
C PHE A 31 3.71 11.13 16.55
N MET A 32 4.39 10.05 16.18
CA MET A 32 5.85 10.03 16.15
C MET A 32 6.34 10.24 14.71
N ILE A 33 7.27 11.15 14.55
CA ILE A 33 7.83 11.41 13.22
C ILE A 33 9.21 10.75 13.11
N LEU A 34 9.52 10.11 11.97
CA LEU A 34 10.91 9.61 11.80
C LEU A 34 11.39 10.61 10.73
N LEU A 35 12.34 11.44 11.12
CA LEU A 35 12.85 12.51 10.26
C LEU A 35 14.34 12.37 9.96
N GLY A 36 14.74 12.53 8.70
CA GLY A 36 16.16 12.51 8.39
C GLY A 36 16.36 12.73 6.91
N PRO A 37 17.61 13.01 6.49
CA PRO A 37 17.95 13.24 5.10
C PRO A 37 17.93 11.91 4.32
N SER A 38 18.10 11.93 3.00
CA SER A 38 18.02 10.68 2.24
C SER A 38 19.15 9.74 2.66
N GLY A 39 18.84 8.44 2.74
CA GLY A 39 19.78 7.42 3.17
C GLY A 39 19.93 7.27 4.70
N CYS A 40 19.08 7.93 5.49
CA CYS A 40 19.30 7.89 6.92
C CYS A 40 18.72 6.62 7.58
N GLY A 41 18.00 5.82 6.78
CA GLY A 41 17.43 4.58 7.30
C GLY A 41 16.01 4.74 7.81
N LYS A 42 15.42 5.92 7.63
CA LYS A 42 14.05 6.13 8.11
C LYS A 42 13.03 5.22 7.41
N THR A 43 13.16 4.98 6.12
CA THR A 43 12.16 4.12 5.43
C THR A 43 12.39 2.65 5.87
N THR A 44 13.66 2.26 5.96
CA THR A 44 13.94 0.88 6.39
C THR A 44 13.39 0.63 7.79
N THR A 45 13.51 1.62 8.66
CA THR A 45 12.96 1.47 10.00
C THR A 45 11.44 1.28 9.91
N LEU A 46 10.77 2.12 9.13
CA LEU A 46 9.29 1.95 9.02
C LEU A 46 8.99 0.58 8.41
N ARG A 47 9.76 0.18 7.40
CA ARG A 47 9.52 -1.14 6.79
C ARG A 47 9.68 -2.31 7.81
N MET A 48 10.63 -2.19 8.75
CA MET A 48 10.77 -3.26 9.74
C MET A 48 9.63 -3.21 10.76
N ILE A 49 9.08 -2.03 11.01
CA ILE A 49 7.95 -1.98 11.96
C ILE A 49 6.72 -2.58 11.24
N ALA A 50 6.61 -2.35 9.94
CA ALA A 50 5.45 -2.88 9.17
C ALA A 50 5.60 -4.40 8.96
N GLY A 51 6.84 -4.85 8.83
CA GLY A 51 7.08 -6.26 8.61
C GLY A 51 7.39 -6.52 7.13
N LEU A 52 7.63 -5.46 6.35
CA LEU A 52 7.97 -5.70 4.94
C LEU A 52 9.43 -6.19 4.92
N GLU A 53 10.19 -5.87 5.98
CA GLU A 53 11.62 -6.31 6.04
C GLU A 53 11.84 -6.88 7.42
N GLU A 54 12.62 -7.95 7.47
CA GLU A 54 12.95 -8.57 8.74
C GLU A 54 14.23 -7.89 9.24
N PRO A 55 14.34 -7.66 10.57
CA PRO A 55 15.57 -7.02 11.03
C PRO A 55 16.71 -8.05 11.00
N SER A 56 17.93 -7.56 10.91
CA SER A 56 19.08 -8.44 10.95
C SER A 56 19.26 -8.93 12.42
N ARG A 57 19.06 -8.04 13.38
CA ARG A 57 19.13 -8.31 14.82
C ARG A 57 18.19 -7.33 15.51
N GLY A 58 17.77 -7.70 16.72
CA GLY A 58 16.92 -6.87 17.57
C GLY A 58 15.53 -7.41 17.75
N GLN A 59 14.74 -6.72 18.56
CA GLN A 59 13.37 -7.11 18.79
C GLN A 59 12.43 -5.97 18.43
N ILE A 60 11.27 -6.35 17.92
CA ILE A 60 10.28 -5.34 17.57
C ILE A 60 8.99 -5.81 18.18
N TYR A 61 8.34 -4.91 18.89
CA TYR A 61 7.06 -5.16 19.53
C TYR A 61 5.99 -4.22 18.98
N ILE A 62 4.79 -4.76 18.78
CA ILE A 62 3.66 -3.91 18.43
C ILE A 62 2.76 -4.18 19.68
N GLY A 63 2.55 -3.18 20.51
CA GLY A 63 1.76 -3.43 21.71
C GLY A 63 2.58 -4.39 22.54
N ASP A 64 1.93 -5.38 23.14
CA ASP A 64 2.70 -6.29 23.96
C ASP A 64 3.16 -7.53 23.18
N LYS A 65 2.99 -7.51 21.87
CA LYS A 65 3.35 -8.66 21.07
C LYS A 65 4.76 -8.52 20.43
N LEU A 66 5.60 -9.54 20.58
CA LEU A 66 6.92 -9.56 19.93
C LEU A 66 6.67 -9.99 18.47
N VAL A 67 6.94 -9.10 17.52
CA VAL A 67 6.68 -9.46 16.13
C VAL A 67 7.91 -9.83 15.30
N ALA A 68 9.09 -9.53 15.83
CA ALA A 68 10.31 -9.90 15.13
C ALA A 68 11.45 -10.02 16.13
N ASP A 69 12.15 -11.14 16.04
CA ASP A 69 13.37 -11.35 16.83
C ASP A 69 14.05 -12.46 16.05
N PRO A 70 14.91 -12.09 15.11
CA PRO A 70 15.56 -13.13 14.32
C PRO A 70 16.31 -14.22 15.12
N GLU A 71 16.90 -13.87 16.24
CA GLU A 71 17.63 -14.88 17.03
C GLU A 71 16.72 -15.99 17.58
N LYS A 72 15.41 -15.70 17.64
CA LYS A 72 14.43 -16.67 18.15
C LYS A 72 13.58 -17.22 17.02
N GLY A 73 13.96 -16.95 15.79
CA GLY A 73 13.18 -17.43 14.67
C GLY A 73 11.79 -16.80 14.63
N ILE A 74 11.65 -15.63 15.22
CA ILE A 74 10.34 -14.98 15.21
C ILE A 74 10.21 -13.93 14.15
N PHE A 75 9.22 -14.08 13.28
CA PHE A 75 8.96 -13.06 12.27
C PHE A 75 7.49 -13.13 11.89
N VAL A 76 6.73 -12.14 12.33
CA VAL A 76 5.31 -12.08 12.01
C VAL A 76 5.16 -11.22 10.74
N PRO A 77 4.62 -11.79 9.64
CA PRO A 77 4.50 -10.92 8.45
C PRO A 77 3.47 -9.78 8.65
N PRO A 78 3.56 -8.75 7.82
CA PRO A 78 2.71 -7.56 7.87
C PRO A 78 1.24 -7.75 8.08
N LYS A 79 0.62 -8.60 7.29
CA LYS A 79 -0.84 -8.77 7.42
C LYS A 79 -1.22 -9.35 8.78
N ASP A 80 -0.31 -10.11 9.39
CA ASP A 80 -0.56 -10.69 10.71
C ASP A 80 -0.22 -9.83 11.89
N ARG A 81 0.25 -8.61 11.62
CA ARG A 81 0.58 -7.67 12.67
C ARG A 81 -0.60 -6.70 12.80
N ASP A 82 -0.77 -6.15 14.00
CA ASP A 82 -1.90 -5.24 14.27
C ASP A 82 -1.50 -3.80 13.85
N ILE A 83 -1.25 -3.65 12.55
CA ILE A 83 -0.79 -2.40 11.98
C ILE A 83 -1.62 -2.06 10.75
N ALA A 84 -1.65 -0.77 10.42
CA ALA A 84 -2.35 -0.30 9.22
C ALA A 84 -1.31 0.52 8.47
N MET A 85 -0.95 0.11 7.26
CA MET A 85 -0.02 0.85 6.43
C MET A 85 -0.91 1.76 5.60
N VAL A 86 -0.60 3.05 5.59
CA VAL A 86 -1.39 4.01 4.84
C VAL A 86 -0.57 4.42 3.65
N PHE A 87 -1.06 4.17 2.43
CA PHE A 87 -0.32 4.56 1.23
C PHE A 87 -1.22 5.14 0.11
N GLN A 88 -0.92 4.80 -1.14
CA GLN A 88 -1.63 5.24 -2.35
C GLN A 88 -3.15 5.36 -2.28
N SER A 89 -3.83 4.29 -2.64
CA SER A 89 -5.29 4.19 -2.63
C SER A 89 -5.49 2.68 -2.64
N TYR A 90 -5.96 2.13 -1.54
CA TYR A 90 -6.11 0.69 -1.46
C TYR A 90 -7.31 -0.01 -2.07
N ALA A 91 -7.37 -1.33 -1.83
CA ALA A 91 -8.38 -2.25 -2.34
C ALA A 91 -9.85 -1.88 -2.16
N LEU A 92 -10.32 -0.89 -2.92
CA LEU A 92 -11.72 -0.48 -2.85
C LEU A 92 -12.57 -1.52 -3.60
N TYR A 93 -13.50 -2.15 -2.90
CA TYR A 93 -14.36 -3.15 -3.51
C TYR A 93 -15.37 -2.49 -4.48
N PRO A 94 -15.35 -2.88 -5.76
CA PRO A 94 -16.25 -2.30 -6.75
C PRO A 94 -17.62 -2.96 -6.57
N HIS A 95 -18.69 -2.32 -7.03
CA HIS A 95 -20.04 -2.88 -6.87
C HIS A 95 -20.41 -2.91 -5.40
N MET A 96 -19.66 -2.14 -4.60
CA MET A 96 -19.92 -2.06 -3.18
C MET A 96 -19.97 -0.59 -2.85
N THR A 97 -20.98 -0.20 -2.06
CA THR A 97 -21.12 1.20 -1.69
C THR A 97 -20.01 1.58 -0.72
N VAL A 98 -19.89 2.88 -0.49
CA VAL A 98 -18.89 3.38 0.46
C VAL A 98 -19.17 2.77 1.81
N TYR A 99 -20.44 2.74 2.17
CA TYR A 99 -20.84 2.24 3.48
C TYR A 99 -20.43 0.79 3.65
N ASP A 100 -20.69 -0.01 2.63
CA ASP A 100 -20.35 -1.43 2.70
C ASP A 100 -18.85 -1.67 2.65
N ASN A 101 -18.14 -0.87 1.87
CA ASN A 101 -16.68 -0.99 1.81
C ASN A 101 -16.07 -0.76 3.20
N ILE A 102 -16.54 0.28 3.90
CA ILE A 102 -16.02 0.55 5.23
C ILE A 102 -16.46 -0.51 6.23
N ALA A 103 -17.68 -1.01 6.05
CA ALA A 103 -18.22 -2.01 6.93
C ALA A 103 -17.66 -3.42 6.73
N PHE A 104 -17.14 -3.71 5.54
CA PHE A 104 -16.66 -5.07 5.22
C PHE A 104 -15.83 -5.77 6.30
N PRO A 105 -14.76 -5.12 6.79
CA PRO A 105 -13.96 -5.78 7.82
C PRO A 105 -14.78 -6.15 9.05
N LEU A 106 -15.70 -5.28 9.45
CA LEU A 106 -16.54 -5.57 10.60
C LEU A 106 -17.54 -6.69 10.28
N LYS A 107 -17.89 -6.82 9.00
CA LYS A 107 -18.83 -7.87 8.55
C LYS A 107 -18.18 -9.25 8.74
N LEU A 108 -16.86 -9.31 8.64
CA LEU A 108 -16.14 -10.56 8.84
C LEU A 108 -16.06 -10.90 10.32
N ARG A 109 -15.68 -9.91 11.13
CA ARG A 109 -15.57 -10.09 12.58
C ARG A 109 -16.94 -10.24 13.22
N LYS A 110 -17.96 -10.45 12.38
CA LYS A 110 -19.34 -10.64 12.81
C LYS A 110 -19.82 -9.67 13.89
N VAL A 111 -19.54 -8.39 13.69
CA VAL A 111 -19.96 -7.35 14.63
C VAL A 111 -21.46 -7.07 14.43
N PRO A 112 -22.22 -6.89 15.52
CA PRO A 112 -23.66 -6.63 15.37
C PRO A 112 -23.94 -5.45 14.42
N ARG A 113 -24.95 -5.59 13.56
CA ARG A 113 -25.30 -4.53 12.62
C ARG A 113 -25.49 -3.16 13.26
N GLN A 114 -26.03 -3.15 14.48
CA GLN A 114 -26.23 -1.90 15.21
C GLN A 114 -24.88 -1.21 15.39
N GLU A 115 -23.91 -1.97 15.89
CA GLU A 115 -22.56 -1.47 16.12
C GLU A 115 -21.85 -1.13 14.80
N ILE A 116 -21.99 -1.99 13.80
CA ILE A 116 -21.35 -1.73 12.52
C ILE A 116 -21.83 -0.37 11.98
N ASP A 117 -23.15 -0.17 11.98
CA ASP A 117 -23.74 1.07 11.49
C ASP A 117 -23.19 2.29 12.23
N GLN A 118 -23.19 2.23 13.56
CA GLN A 118 -22.71 3.34 14.35
C GLN A 118 -21.24 3.64 14.02
N ARG A 119 -20.43 2.59 14.01
CA ARG A 119 -19.02 2.78 13.72
C ARG A 119 -18.75 3.31 12.31
N VAL A 120 -19.43 2.75 11.31
CA VAL A 120 -19.24 3.21 9.93
C VAL A 120 -19.65 4.69 9.78
N ARG A 121 -20.81 5.05 10.31
CA ARG A 121 -21.29 6.42 10.17
C ARG A 121 -20.38 7.42 10.90
N GLU A 122 -19.85 7.00 12.04
CA GLU A 122 -18.96 7.83 12.82
C GLU A 122 -17.68 8.10 12.02
N VAL A 123 -17.09 7.05 11.49
CA VAL A 123 -15.90 7.11 10.68
C VAL A 123 -16.15 7.98 9.44
N ALA A 124 -17.27 7.77 8.76
CA ALA A 124 -17.57 8.59 7.56
C ALA A 124 -17.66 10.08 7.94
N GLU A 125 -18.18 10.38 9.13
CA GLU A 125 -18.27 11.78 9.53
C GLU A 125 -16.89 12.39 9.75
N LEU A 126 -15.98 11.65 10.39
CA LEU A 126 -14.62 12.16 10.62
C LEU A 126 -13.90 12.38 9.30
N LEU A 127 -14.27 11.61 8.28
CA LEU A 127 -13.60 11.72 7.00
C LEU A 127 -14.33 12.58 5.95
N GLY A 128 -15.47 13.14 6.32
CA GLY A 128 -16.26 13.97 5.40
C GLY A 128 -16.91 13.11 4.32
N LEU A 129 -17.22 11.86 4.65
CA LEU A 129 -17.78 10.94 3.67
C LEU A 129 -19.27 10.66 3.80
N THR A 130 -19.93 11.30 4.76
CA THR A 130 -21.34 11.03 4.99
C THR A 130 -22.25 11.14 3.77
N GLU A 131 -22.08 12.18 2.97
CA GLU A 131 -22.93 12.32 1.78
C GLU A 131 -22.63 11.28 0.70
N LEU A 132 -21.53 10.54 0.86
CA LEU A 132 -21.16 9.53 -0.15
C LEU A 132 -21.45 8.09 0.26
N LEU A 133 -22.09 7.87 1.40
CA LEU A 133 -22.32 6.52 1.89
C LEU A 133 -22.97 5.52 0.95
N ASN A 134 -23.91 6.01 0.13
CA ASN A 134 -24.60 5.13 -0.78
C ASN A 134 -23.99 5.11 -2.15
N ARG A 135 -22.82 5.74 -2.32
CA ARG A 135 -22.16 5.78 -3.61
C ARG A 135 -21.23 4.58 -3.87
N LYS A 136 -20.99 4.30 -5.16
CA LYS A 136 -20.09 3.22 -5.58
C LYS A 136 -18.76 3.91 -5.88
N PRO A 137 -17.63 3.18 -5.79
CA PRO A 137 -16.31 3.78 -6.04
C PRO A 137 -16.20 4.58 -7.33
N ARG A 138 -16.78 4.04 -8.40
CA ARG A 138 -16.75 4.67 -9.71
C ARG A 138 -17.32 6.08 -9.70
N GLU A 139 -18.26 6.35 -8.79
CA GLU A 139 -18.88 7.66 -8.70
C GLU A 139 -18.08 8.60 -7.79
N LEU A 140 -16.85 8.23 -7.44
CA LEU A 140 -16.04 9.05 -6.53
C LEU A 140 -14.76 9.60 -7.13
N SER A 141 -14.23 10.67 -6.54
CA SER A 141 -12.97 11.24 -7.00
C SER A 141 -11.86 10.37 -6.39
N GLY A 142 -10.61 10.64 -6.76
CA GLY A 142 -9.52 9.84 -6.21
C GLY A 142 -9.28 10.11 -4.73
N GLY A 143 -9.50 11.36 -4.33
CA GLY A 143 -9.33 11.75 -2.95
C GLY A 143 -10.47 11.16 -2.14
N GLN A 144 -11.66 11.12 -2.71
CA GLN A 144 -12.78 10.52 -1.99
C GLN A 144 -12.49 9.03 -1.83
N ARG A 145 -12.02 8.36 -2.88
CA ARG A 145 -11.73 6.93 -2.75
C ARG A 145 -10.63 6.67 -1.71
N GLN A 146 -9.66 7.56 -1.68
CA GLN A 146 -8.54 7.41 -0.74
C GLN A 146 -9.06 7.52 0.70
N ARG A 147 -9.99 8.43 0.93
CA ARG A 147 -10.55 8.59 2.26
C ARG A 147 -11.42 7.37 2.62
N VAL A 148 -12.07 6.78 1.62
CA VAL A 148 -12.89 5.63 1.92
C VAL A 148 -11.92 4.51 2.36
N ALA A 149 -10.80 4.36 1.65
CA ALA A 149 -9.90 3.30 2.07
C ALA A 149 -9.38 3.52 3.50
N LEU A 150 -9.09 4.77 3.84
CA LEU A 150 -8.60 5.09 5.19
C LEU A 150 -9.67 4.73 6.19
N GLY A 151 -10.91 4.97 5.82
CA GLY A 151 -11.98 4.64 6.73
C GLY A 151 -12.05 3.14 6.98
N ARG A 152 -11.84 2.34 5.95
CA ARG A 152 -11.87 0.88 6.12
C ARG A 152 -10.74 0.46 7.10
N ALA A 153 -9.59 1.09 6.95
CA ALA A 153 -8.44 0.82 7.83
C ALA A 153 -8.72 1.27 9.28
N ILE A 154 -9.31 2.46 9.43
CA ILE A 154 -9.60 3.00 10.77
C ILE A 154 -10.60 2.19 11.60
N VAL A 155 -11.67 1.70 10.95
CA VAL A 155 -12.67 0.94 11.70
C VAL A 155 -12.16 -0.37 12.28
N ARG A 156 -11.10 -0.92 11.69
CA ARG A 156 -10.50 -2.17 12.20
C ARG A 156 -9.74 -1.94 13.51
N LYS A 157 -9.48 -0.67 13.85
CA LYS A 157 -8.77 -0.29 15.08
C LYS A 157 -7.35 -0.90 15.21
N PRO A 158 -6.42 -0.55 14.30
CA PRO A 158 -5.08 -1.13 14.47
C PRO A 158 -4.34 -0.55 15.68
N GLN A 159 -3.25 -1.18 16.11
CA GLN A 159 -2.45 -0.63 17.22
C GLN A 159 -1.68 0.58 16.71
N VAL A 160 -1.32 0.59 15.43
CA VAL A 160 -0.52 1.72 14.91
C VAL A 160 -0.74 1.90 13.42
N PHE A 161 -0.69 3.16 12.99
CA PHE A 161 -0.79 3.51 11.58
C PHE A 161 0.60 3.87 11.14
N LEU A 162 0.99 3.39 9.95
CA LEU A 162 2.35 3.66 9.44
C LEU A 162 2.25 4.37 8.09
N MET A 163 2.98 5.47 7.91
CA MET A 163 2.94 6.11 6.60
C MET A 163 4.29 6.73 6.28
N ASP A 164 4.59 6.79 4.98
CA ASP A 164 5.89 7.31 4.53
C ASP A 164 5.67 8.51 3.63
N GLU A 165 5.69 9.68 4.26
CA GLU A 165 5.49 10.98 3.60
C GLU A 165 4.37 10.95 2.58
N PRO A 166 3.17 10.57 3.03
CA PRO A 166 2.00 10.48 2.15
C PRO A 166 1.55 11.80 1.53
N LEU A 167 1.98 12.91 2.11
CA LEU A 167 1.61 14.24 1.62
C LEU A 167 2.63 14.80 0.62
N SER A 168 3.65 14.01 0.30
CA SER A 168 4.72 14.43 -0.59
C SER A 168 4.29 14.91 -1.99
N ASN A 169 3.22 14.32 -2.51
CA ASN A 169 2.67 14.64 -3.84
C ASN A 169 1.77 15.87 -3.89
N LEU A 170 1.62 16.59 -2.78
CA LEU A 170 0.70 17.72 -2.76
C LEU A 170 1.25 19.11 -3.00
N ASP A 171 0.45 19.98 -3.60
CA ASP A 171 0.89 21.38 -3.80
C ASP A 171 1.04 21.97 -2.40
N ALA A 172 1.94 22.93 -2.25
CA ALA A 172 2.25 23.54 -0.97
C ALA A 172 1.05 23.90 -0.08
N LYS A 173 0.09 24.65 -0.60
CA LYS A 173 -1.07 25.08 0.17
C LYS A 173 -1.91 23.94 0.68
N LEU A 174 -2.20 22.98 -0.21
CA LEU A 174 -2.99 21.85 0.18
C LEU A 174 -2.24 21.04 1.22
N ARG A 175 -0.91 21.01 1.11
CA ARG A 175 -0.11 20.25 2.06
C ARG A 175 -0.23 20.84 3.46
N VAL A 176 -0.18 22.16 3.53
CA VAL A 176 -0.29 22.87 4.82
C VAL A 176 -1.62 22.49 5.48
N ARG A 177 -2.68 22.49 4.69
CA ARG A 177 -4.01 22.16 5.21
C ARG A 177 -4.11 20.68 5.60
N MET A 178 -3.55 19.79 4.77
CA MET A 178 -3.61 18.37 5.05
C MET A 178 -2.80 17.99 6.30
N ARG A 179 -1.71 18.69 6.59
CA ARG A 179 -0.95 18.37 7.80
C ARG A 179 -1.86 18.60 9.00
N ALA A 180 -2.59 19.71 8.98
CA ALA A 180 -3.50 20.02 10.06
C ALA A 180 -4.64 19.00 10.13
N GLU A 181 -5.23 18.64 8.99
CA GLU A 181 -6.35 17.69 8.99
C GLU A 181 -5.91 16.32 9.46
N LEU A 182 -4.74 15.87 8.99
CA LEU A 182 -4.23 14.56 9.40
C LEU A 182 -3.97 14.48 10.89
N LYS A 183 -3.34 15.52 11.44
CA LYS A 183 -3.05 15.52 12.89
C LYS A 183 -4.36 15.62 13.71
N LYS A 184 -5.31 16.39 13.21
CA LYS A 184 -6.59 16.51 13.91
C LYS A 184 -7.24 15.12 13.95
N LEU A 185 -7.26 14.42 12.81
CA LEU A 185 -7.87 13.08 12.80
C LEU A 185 -7.10 12.12 13.73
N GLN A 186 -5.78 12.16 13.70
CA GLN A 186 -5.04 11.28 14.59
C GLN A 186 -5.36 11.54 16.05
N ARG A 187 -5.52 12.80 16.44
CA ARG A 187 -5.86 13.12 17.82
C ARG A 187 -7.27 12.61 18.17
N GLN A 188 -8.19 12.76 17.22
CA GLN A 188 -9.58 12.26 17.42
C GLN A 188 -9.57 10.74 17.61
N LEU A 189 -8.72 10.04 16.87
CA LEU A 189 -8.66 8.60 17.00
C LEU A 189 -7.83 8.14 18.18
N GLY A 190 -6.82 8.92 18.56
CA GLY A 190 -5.95 8.53 19.68
C GLY A 190 -5.08 7.33 19.34
N VAL A 191 -4.86 7.07 18.04
CA VAL A 191 -4.08 5.92 17.63
C VAL A 191 -2.61 6.25 17.34
N THR A 192 -1.73 5.41 17.86
CA THR A 192 -0.27 5.57 17.70
C THR A 192 -0.02 5.67 16.20
N THR A 193 0.79 6.65 15.79
CA THR A 193 1.06 6.86 14.38
C THR A 193 2.55 7.12 14.19
N ILE A 194 3.14 6.50 13.17
CA ILE A 194 4.56 6.68 12.89
C ILE A 194 4.58 7.18 11.45
N TYR A 195 5.19 8.34 11.25
CA TYR A 195 5.16 9.02 9.96
C TYR A 195 6.58 9.44 9.61
N VAL A 196 7.04 8.98 8.46
CA VAL A 196 8.38 9.30 7.96
C VAL A 196 8.31 10.54 7.09
N THR A 197 9.29 11.45 7.25
CA THR A 197 9.33 12.59 6.37
C THR A 197 10.78 13.06 6.29
N HIS A 198 11.12 13.72 5.18
CA HIS A 198 12.46 14.32 5.07
C HIS A 198 12.30 15.81 5.40
N ASP A 199 11.06 16.30 5.51
CA ASP A 199 10.77 17.74 5.69
C ASP A 199 10.73 18.18 7.13
N GLN A 200 11.71 19.00 7.52
CA GLN A 200 11.86 19.47 8.89
C GLN A 200 10.64 20.24 9.40
N VAL A 201 10.11 21.12 8.57
CA VAL A 201 8.94 21.92 8.98
C VAL A 201 7.75 21.01 9.16
N GLU A 202 7.56 20.07 8.24
CA GLU A 202 6.47 19.13 8.39
C GLU A 202 6.64 18.38 9.73
N ALA A 203 7.87 17.97 10.04
CA ALA A 203 8.08 17.22 11.27
C ALA A 203 7.76 18.03 12.54
N MET A 204 8.25 19.25 12.59
CA MET A 204 8.01 20.10 13.74
C MET A 204 6.55 20.53 13.88
N THR A 205 5.87 20.60 12.75
CA THR A 205 4.49 21.02 12.70
C THR A 205 3.59 19.85 13.18
N MET A 206 3.84 18.65 12.64
CA MET A 206 2.93 17.53 12.97
C MET A 206 3.27 16.62 14.13
N GLY A 207 4.56 16.46 14.41
CA GLY A 207 4.90 15.51 15.43
C GLY A 207 4.72 15.88 16.89
N ASP A 208 4.27 14.90 17.69
CA ASP A 208 4.22 15.07 19.16
C ASP A 208 5.71 14.91 19.53
N ARG A 209 6.37 13.93 18.89
CA ARG A 209 7.81 13.76 19.11
C ARG A 209 8.42 13.45 17.74
N ILE A 210 9.73 13.65 17.64
CA ILE A 210 10.47 13.44 16.41
C ILE A 210 11.72 12.60 16.71
N ALA A 211 11.86 11.49 15.99
CA ALA A 211 13.03 10.63 16.09
C ALA A 211 13.92 11.09 14.91
N VAL A 212 15.00 11.83 15.21
CA VAL A 212 15.90 12.30 14.13
C VAL A 212 16.96 11.22 13.85
N MET A 213 17.16 10.91 12.59
CA MET A 213 18.11 9.86 12.19
C MET A 213 19.11 10.39 11.20
N ASN A 214 20.30 9.80 11.22
CA ASN A 214 21.30 10.17 10.26
C ASN A 214 22.18 8.94 10.12
N ARG A 215 22.38 8.54 8.87
CA ARG A 215 23.24 7.41 8.49
C ARG A 215 22.96 6.16 9.32
N GLY A 216 21.66 5.84 9.42
CA GLY A 216 21.22 4.64 10.13
C GLY A 216 21.18 4.73 11.62
N VAL A 217 21.53 5.88 12.17
CA VAL A 217 21.59 6.00 13.61
C VAL A 217 20.59 6.99 14.20
N LEU A 218 19.89 6.59 15.25
CA LEU A 218 18.94 7.48 15.94
C LEU A 218 19.76 8.53 16.71
N GLN A 219 19.59 9.79 16.32
CA GLN A 219 20.35 10.89 16.92
C GLN A 219 19.70 11.44 18.15
N GLN A 220 18.38 11.54 18.10
CA GLN A 220 17.65 12.08 19.21
C GLN A 220 16.16 11.80 19.04
N VAL A 221 15.44 11.68 20.16
CA VAL A 221 13.99 11.59 20.12
C VAL A 221 13.50 12.68 21.07
N GLY A 222 12.70 13.62 20.56
CA GLY A 222 12.18 14.67 21.41
C GLY A 222 11.04 15.43 20.78
N SER A 223 10.40 16.29 21.59
CA SER A 223 9.32 17.14 21.08
C SER A 223 9.96 18.12 20.11
N PRO A 224 9.16 18.81 19.30
CA PRO A 224 9.82 19.78 18.38
C PRO A 224 10.64 20.79 19.18
N ASP A 225 10.14 21.23 20.33
CA ASP A 225 10.93 22.19 21.13
C ASP A 225 12.26 21.59 21.53
N GLU A 226 12.25 20.32 21.95
CA GLU A 226 13.51 19.70 22.37
C GLU A 226 14.53 19.54 21.27
N VAL A 227 14.10 19.12 20.08
CA VAL A 227 15.10 18.91 19.03
C VAL A 227 15.61 20.23 18.49
N TYR A 228 14.80 21.30 18.62
CA TYR A 228 15.19 22.61 18.12
C TYR A 228 16.02 23.38 19.16
N ASP A 229 15.48 23.45 20.37
CA ASP A 229 16.15 24.18 21.47
C ASP A 229 17.21 23.43 22.23
N LYS A 230 17.10 22.10 22.29
CA LYS A 230 18.08 21.26 22.98
C LYS A 230 18.62 20.14 22.06
N PRO A 231 19.20 20.53 20.91
CA PRO A 231 19.74 19.52 19.99
C PRO A 231 20.80 18.66 20.71
N ALA A 232 20.70 17.34 20.54
CA ALA A 232 21.58 16.40 21.26
C ALA A 232 23.00 16.36 20.76
N ASN A 233 23.22 16.83 19.55
CA ASN A 233 24.56 16.83 19.01
C ASN A 233 24.60 17.79 17.86
N THR A 234 25.77 17.94 17.25
CA THR A 234 25.90 18.87 16.15
C THR A 234 25.09 18.52 14.92
N PHE A 235 24.87 17.24 14.68
CA PHE A 235 24.06 16.92 13.49
C PHE A 235 22.62 17.48 13.62
N VAL A 236 21.98 17.22 14.75
CA VAL A 236 20.61 17.66 14.96
C VAL A 236 20.58 19.19 14.98
N ALA A 237 21.60 19.79 15.58
CA ALA A 237 21.67 21.26 15.65
C ALA A 237 21.81 21.88 14.28
N GLY A 238 22.55 21.23 13.38
CA GLY A 238 22.73 21.81 12.06
C GLY A 238 21.70 21.37 11.02
N PHE A 239 20.88 20.38 11.36
CA PHE A 239 19.94 19.84 10.41
C PHE A 239 18.58 20.56 10.41
N ILE A 240 18.21 21.12 11.55
CA ILE A 240 16.96 21.86 11.66
C ILE A 240 17.20 23.35 11.90
N GLY A 241 16.59 24.22 11.10
CA GLY A 241 16.76 25.66 11.28
C GLY A 241 17.15 26.37 10.00
N SER A 242 16.59 27.56 9.80
CA SER A 242 16.90 28.30 8.62
C SER A 242 16.99 29.80 8.93
N PRO A 243 18.16 30.42 8.67
CA PRO A 243 19.38 29.82 8.12
C PRO A 243 19.87 28.80 9.17
N PRO A 244 20.81 27.94 8.82
CA PRO A 244 21.27 26.96 9.79
C PRO A 244 22.00 27.59 10.97
N MET A 245 22.07 26.85 12.07
CA MET A 245 22.78 27.31 13.25
C MET A 245 24.23 27.61 12.84
N ASN A 246 24.82 28.61 13.46
CA ASN A 246 26.22 28.93 13.18
C ASN A 246 27.07 28.08 14.13
N PHE A 247 28.21 27.62 13.67
CA PHE A 247 29.15 26.86 14.51
C PHE A 247 30.51 27.55 14.43
N LEU A 248 31.18 27.65 15.57
CA LEU A 248 32.49 28.31 15.64
C LEU A 248 33.36 27.46 16.57
N ASP A 249 34.65 27.34 16.27
CA ASP A 249 35.55 26.63 17.16
C ASP A 249 35.89 27.58 18.29
N ALA A 250 35.88 27.07 19.53
CA ALA A 250 36.21 27.91 20.66
C ALA A 250 36.98 27.12 21.72
N ILE A 251 37.56 27.87 22.66
CA ILE A 251 38.26 27.29 23.78
C ILE A 251 37.59 27.87 24.99
N VAL A 252 37.21 27.01 25.93
CA VAL A 252 36.61 27.45 27.18
C VAL A 252 37.85 27.92 27.99
N THR A 253 37.84 29.17 28.42
CA THR A 253 38.97 29.72 29.16
C THR A 253 38.81 29.61 30.67
N GLU A 254 39.94 29.77 31.38
CA GLU A 254 39.97 29.72 32.84
C GLU A 254 39.11 30.84 33.40
N ASP A 255 39.08 32.00 32.74
CA ASP A 255 38.28 33.10 33.28
C ASP A 255 36.79 33.12 32.89
N GLY A 256 36.29 32.00 32.36
CA GLY A 256 34.87 31.91 32.05
C GLY A 256 34.34 32.43 30.72
N PHE A 257 35.18 32.45 29.70
CA PHE A 257 34.78 32.91 28.37
C PHE A 257 34.92 31.79 27.35
N VAL A 258 34.31 31.99 26.17
CA VAL A 258 34.52 31.06 25.07
C VAL A 258 35.38 31.94 24.21
N ASP A 259 36.54 31.42 23.81
CA ASP A 259 37.44 32.23 23.01
C ASP A 259 37.48 31.70 21.60
N PHE A 260 37.09 32.56 20.66
CA PHE A 260 37.04 32.23 19.25
C PHE A 260 38.31 32.57 18.52
N GLY A 261 39.24 33.20 19.24
CA GLY A 261 40.50 33.60 18.64
C GLY A 261 40.35 35.03 18.18
N GLU A 262 39.37 35.28 17.32
CA GLU A 262 39.11 36.62 16.79
C GLU A 262 38.39 37.49 17.78
N PHE A 263 37.78 36.85 18.77
CA PHE A 263 37.06 37.55 19.82
C PHE A 263 36.60 36.53 20.83
N ARG A 264 36.04 37.01 21.93
CA ARG A 264 35.55 36.15 23.00
C ARG A 264 34.20 36.61 23.48
N LEU A 265 33.49 35.71 24.18
CA LEU A 265 32.19 36.00 24.75
C LEU A 265 32.21 35.35 26.12
N LYS A 266 31.51 35.96 27.06
CA LYS A 266 31.50 35.45 28.42
C LYS A 266 30.36 34.52 28.67
N LEU A 267 30.66 33.33 29.19
CA LEU A 267 29.65 32.32 29.48
C LEU A 267 28.78 32.70 30.66
N LEU A 268 27.55 32.20 30.69
CA LEU A 268 26.71 32.51 31.83
C LEU A 268 27.29 31.65 32.96
N PRO A 269 27.15 32.11 34.22
CA PRO A 269 27.71 31.32 35.33
C PRO A 269 27.39 29.81 35.34
N ASP A 270 26.12 29.45 35.23
CA ASP A 270 25.78 28.03 35.23
C ASP A 270 26.42 27.27 34.08
N GLN A 271 26.62 27.95 32.95
CA GLN A 271 27.23 27.30 31.80
C GLN A 271 28.71 26.98 32.08
N PHE A 272 29.42 27.95 32.66
CA PHE A 272 30.84 27.74 32.96
C PHE A 272 31.04 26.64 33.99
N GLU A 273 30.11 26.58 34.93
CA GLU A 273 30.15 25.59 35.99
C GLU A 273 30.01 24.16 35.44
N VAL A 274 29.05 23.95 34.54
CA VAL A 274 28.87 22.62 33.99
C VAL A 274 30.09 22.25 33.15
N LEU A 275 30.58 23.19 32.36
CA LEU A 275 31.73 22.88 31.53
C LEU A 275 32.93 22.54 32.45
N GLY A 276 32.97 23.19 33.61
CA GLY A 276 34.05 22.93 34.55
C GLY A 276 33.93 21.52 35.13
N GLU A 277 32.80 21.24 35.77
CA GLU A 277 32.55 19.94 36.37
C GLU A 277 32.78 18.77 35.42
N LEU A 278 32.63 19.04 34.12
CA LEU A 278 32.82 18.01 33.09
C LEU A 278 34.24 18.02 32.55
N GLY A 279 35.03 18.99 32.98
CA GLY A 279 36.44 19.04 32.58
C GLY A 279 36.79 19.66 31.24
N TYR A 280 35.94 20.57 30.78
CA TYR A 280 36.15 21.23 29.50
C TYR A 280 36.95 22.53 29.60
N VAL A 281 37.06 23.07 30.81
CA VAL A 281 37.82 24.30 30.97
C VAL A 281 39.21 24.04 30.45
N GLY A 282 39.64 24.90 29.53
CA GLY A 282 40.95 24.78 28.92
C GLY A 282 40.94 24.01 27.61
N ARG A 283 39.80 23.42 27.28
CA ARG A 283 39.65 22.60 26.06
C ARG A 283 38.93 23.26 24.88
N GLU A 284 39.26 22.78 23.69
CA GLU A 284 38.64 23.24 22.44
C GLU A 284 37.25 22.59 22.37
N VAL A 285 36.23 23.39 22.07
CA VAL A 285 34.89 22.87 21.96
C VAL A 285 34.27 23.47 20.70
N ILE A 286 33.07 23.03 20.37
CA ILE A 286 32.33 23.58 19.23
C ILE A 286 31.24 24.45 19.87
N PHE A 287 31.13 25.69 19.41
CA PHE A 287 30.15 26.63 19.94
C PHE A 287 29.04 26.79 18.88
N GLY A 288 27.80 26.92 19.34
CA GLY A 288 26.74 27.09 18.38
C GLY A 288 25.73 28.14 18.80
N ILE A 289 25.23 28.89 17.81
CA ILE A 289 24.20 29.84 18.10
C ILE A 289 23.40 30.08 16.84
N ARG A 290 22.09 30.07 16.96
CA ARG A 290 21.27 30.31 15.76
C ARG A 290 21.19 31.78 15.32
N PRO A 291 20.99 32.01 14.03
CA PRO A 291 20.89 33.37 13.48
C PRO A 291 19.83 34.21 14.20
N GLU A 292 18.73 33.59 14.61
CA GLU A 292 17.67 34.35 15.28
C GLU A 292 18.10 34.86 16.66
N ASP A 293 19.24 34.36 17.15
CA ASP A 293 19.65 34.76 18.50
C ASP A 293 20.83 35.71 18.48
N LEU A 294 21.06 36.29 17.28
CA LEU A 294 22.10 37.30 17.04
C LEU A 294 21.27 38.53 16.73
N TYR A 295 21.74 39.67 17.25
CA TYR A 295 21.03 40.93 17.12
C TYR A 295 21.92 42.12 16.79
N ASP A 296 21.34 43.07 16.07
CA ASP A 296 22.00 44.32 15.75
C ASP A 296 21.99 45.01 17.14
N ALA A 297 23.16 45.43 17.62
CA ALA A 297 23.28 46.08 18.94
C ALA A 297 22.39 47.30 19.05
N MET A 298 22.08 47.91 17.92
CA MET A 298 21.22 49.09 17.97
C MET A 298 19.90 48.83 18.66
N PHE A 299 19.37 47.61 18.52
CA PHE A 299 18.08 47.28 19.12
C PHE A 299 18.10 46.18 20.19
N ALA A 300 19.27 45.66 20.53
CA ALA A 300 19.38 44.58 21.52
C ALA A 300 18.86 45.03 22.88
N GLN A 301 18.33 44.10 23.65
CA GLN A 301 17.82 44.44 24.98
C GLN A 301 18.93 44.67 25.98
N VAL A 302 20.06 43.96 25.84
CA VAL A 302 21.17 44.09 26.76
C VAL A 302 22.51 44.08 26.05
N ARG A 303 23.26 45.16 26.20
CA ARG A 303 24.55 45.30 25.53
C ARG A 303 25.68 45.35 26.51
N VAL A 304 26.51 44.32 26.52
CA VAL A 304 27.64 44.27 27.45
C VAL A 304 28.93 44.08 26.69
N PRO A 305 29.58 45.20 26.32
CA PRO A 305 30.85 45.14 25.59
C PRO A 305 31.79 44.11 26.22
N GLY A 306 32.50 43.35 25.38
CA GLY A 306 33.40 42.34 25.89
C GLY A 306 32.75 41.01 26.23
N GLU A 307 31.49 41.04 26.71
CA GLU A 307 30.79 39.84 27.14
C GLU A 307 29.75 39.21 26.22
N ASN A 308 28.89 40.00 25.60
CA ASN A 308 27.90 39.42 24.69
C ASN A 308 27.86 40.24 23.41
N LEU A 309 28.91 41.03 23.21
CA LEU A 309 28.90 41.89 22.05
C LEU A 309 30.20 41.85 21.27
N VAL A 310 30.10 41.93 19.94
CA VAL A 310 31.30 41.93 19.13
C VAL A 310 31.11 42.83 17.92
N ARG A 311 32.17 43.52 17.50
CA ARG A 311 32.04 44.37 16.30
C ARG A 311 32.43 43.54 15.10
N ALA A 312 31.58 43.56 14.07
CA ALA A 312 31.82 42.75 12.88
C ALA A 312 31.61 43.60 11.65
N VAL A 313 32.06 43.11 10.50
CA VAL A 313 31.79 43.83 9.28
C VAL A 313 30.69 43.06 8.58
N VAL A 314 29.76 43.78 7.97
CA VAL A 314 28.64 43.16 7.24
C VAL A 314 29.09 42.84 5.83
N GLU A 315 28.96 41.58 5.42
CA GLU A 315 29.37 41.18 4.08
C GLU A 315 28.20 41.12 3.10
N ILE A 316 27.07 40.61 3.58
CA ILE A 316 25.89 40.53 2.72
C ILE A 316 24.66 40.86 3.53
N VAL A 317 23.76 41.68 2.97
CA VAL A 317 22.48 41.90 3.65
C VAL A 317 21.40 41.38 2.69
N GLU A 318 20.64 40.33 3.07
CA GLU A 318 19.53 39.86 2.23
C GLU A 318 18.26 40.52 2.78
N ASN A 319 17.50 41.19 1.93
CA ASN A 319 16.31 41.87 2.40
C ASN A 319 15.13 40.98 2.13
N LEU A 320 14.64 40.32 3.18
CA LEU A 320 13.49 39.42 3.08
C LEU A 320 12.16 40.10 3.41
N GLY A 321 12.16 41.42 3.54
CA GLY A 321 10.92 42.15 3.80
C GLY A 321 10.58 42.19 5.28
N SER A 322 10.32 41.02 5.86
CA SER A 322 9.96 40.90 7.27
C SER A 322 11.22 40.82 8.16
N GLU A 323 12.41 40.71 7.54
CA GLU A 323 13.65 40.60 8.29
C GLU A 323 14.80 40.73 7.32
N ARG A 324 16.01 40.80 7.87
CA ARG A 324 17.21 40.89 7.06
C ARG A 324 18.17 39.77 7.47
N ILE A 325 18.69 39.04 6.50
CA ILE A 325 19.67 37.97 6.83
C ILE A 325 21.00 38.64 6.62
N VAL A 326 21.80 38.66 7.69
CA VAL A 326 23.06 39.40 7.64
C VAL A 326 24.26 38.51 7.79
N ARG A 327 25.13 38.48 6.78
CA ARG A 327 26.33 37.63 6.84
C ARG A 327 27.40 38.53 7.41
N LEU A 328 27.96 38.07 8.53
CA LEU A 328 28.91 38.86 9.27
C LEU A 328 30.28 38.24 9.32
N ARG A 329 31.28 39.08 9.53
CA ARG A 329 32.62 38.56 9.64
C ARG A 329 33.44 39.29 10.69
N VAL A 330 34.20 38.52 11.48
CA VAL A 330 35.11 39.10 12.46
C VAL A 330 36.45 38.44 12.10
N GLY A 331 37.34 39.21 11.45
CA GLY A 331 38.62 38.64 11.05
C GLY A 331 38.40 37.42 10.18
N GLY A 332 38.92 36.27 10.61
CA GLY A 332 38.75 35.04 9.85
C GLY A 332 37.52 34.18 10.16
N VAL A 333 36.60 34.62 11.01
CA VAL A 333 35.40 33.79 11.26
C VAL A 333 34.11 34.50 10.79
N THR A 334 33.13 33.71 10.35
CA THR A 334 31.88 34.29 9.86
C THR A 334 30.71 33.65 10.60
N PHE A 335 29.57 34.32 10.57
CA PHE A 335 28.36 33.79 11.18
C PHE A 335 27.26 34.63 10.57
N VAL A 336 26.05 34.12 10.65
CA VAL A 336 24.92 34.79 10.01
C VAL A 336 23.87 35.13 11.05
N GLY A 337 23.36 36.34 11.01
CA GLY A 337 22.32 36.75 11.94
C GLY A 337 20.98 37.02 11.21
N SER A 338 19.87 36.91 11.92
CA SER A 338 18.58 37.24 11.33
C SER A 338 18.23 38.54 12.08
N PHE A 339 18.42 39.72 11.45
CA PHE A 339 18.16 40.99 12.13
C PHE A 339 16.81 41.59 11.77
N ARG A 340 16.31 42.49 12.62
CA ARG A 340 15.03 43.11 12.30
C ARG A 340 15.15 44.03 11.08
N SER A 341 14.01 44.24 10.43
CA SER A 341 13.95 45.08 9.22
C SER A 341 14.47 46.50 9.41
N GLU A 342 14.29 47.01 10.62
CA GLU A 342 14.70 48.37 10.96
C GLU A 342 16.21 48.47 11.06
N SER A 343 16.92 47.34 11.11
CA SER A 343 18.36 47.40 11.17
C SER A 343 18.89 48.18 9.98
N ARG A 344 19.88 49.04 10.25
CA ARG A 344 20.50 49.87 9.21
C ARG A 344 21.76 49.24 8.63
N VAL A 345 21.97 47.96 8.88
CA VAL A 345 23.16 47.33 8.36
C VAL A 345 23.33 47.53 6.85
N ARG A 346 24.58 47.62 6.42
CA ARG A 346 24.91 47.86 5.03
C ARG A 346 26.18 47.10 4.72
N GLU A 347 26.20 46.48 3.55
CA GLU A 347 27.34 45.68 3.11
C GLU A 347 28.57 46.59 3.09
N GLY A 348 29.67 46.08 3.64
CA GLY A 348 30.89 46.85 3.71
C GLY A 348 31.02 47.74 4.94
N VAL A 349 29.98 47.83 5.75
CA VAL A 349 29.99 48.67 6.95
C VAL A 349 30.00 47.86 8.26
N GLU A 350 30.70 48.34 9.28
CA GLU A 350 30.75 47.58 10.52
C GLU A 350 29.47 47.75 11.31
N VAL A 351 29.22 46.78 12.19
CA VAL A 351 28.05 46.83 13.05
C VAL A 351 28.36 46.03 14.33
N ASP A 352 27.87 46.49 15.48
CA ASP A 352 28.05 45.74 16.73
C ASP A 352 26.94 44.68 16.77
N VAL A 353 27.33 43.46 17.10
CA VAL A 353 26.39 42.33 17.15
C VAL A 353 26.30 41.80 18.56
N VAL A 354 25.09 41.64 19.05
CA VAL A 354 24.88 41.08 20.36
C VAL A 354 24.46 39.60 20.21
N PHE A 355 25.05 38.75 21.04
CA PHE A 355 24.75 37.32 21.06
C PHE A 355 23.87 37.06 22.28
N ASP A 356 22.74 36.34 22.10
CA ASP A 356 21.93 36.02 23.26
C ASP A 356 22.59 34.81 23.91
N MET A 357 23.35 35.08 24.97
CA MET A 357 24.07 34.01 25.63
C MET A 357 23.24 32.89 26.23
N LYS A 358 21.97 33.17 26.53
CA LYS A 358 21.11 32.13 27.09
C LYS A 358 20.76 31.08 26.04
N LYS A 359 21.02 31.39 24.77
CA LYS A 359 20.63 30.50 23.70
C LYS A 359 21.79 29.79 23.02
N ILE A 360 22.99 29.85 23.59
CA ILE A 360 24.10 29.19 22.91
C ILE A 360 24.17 27.70 23.19
N HIS A 361 25.04 27.01 22.46
CA HIS A 361 25.22 25.58 22.67
C HIS A 361 26.69 25.31 22.63
N ILE A 362 27.08 24.29 23.35
CA ILE A 362 28.46 23.88 23.36
C ILE A 362 28.49 22.37 23.14
N PHE A 363 29.27 21.94 22.16
CA PHE A 363 29.36 20.53 21.85
C PHE A 363 30.79 20.03 21.98
N ASP A 364 30.93 18.74 22.30
CA ASP A 364 32.25 18.12 22.39
C ASP A 364 32.81 18.12 20.97
N LYS A 365 34.03 18.63 20.78
CA LYS A 365 34.63 18.71 19.44
C LYS A 365 34.97 17.36 18.80
N THR A 366 35.17 16.32 19.62
CA THR A 366 35.49 14.99 19.08
C THR A 366 34.26 14.17 18.81
N THR A 367 33.36 14.09 19.80
CA THR A 367 32.14 13.31 19.66
C THR A 367 30.97 14.06 19.00
N GLY A 368 30.98 15.39 19.07
CA GLY A 368 29.92 16.20 18.48
C GLY A 368 28.71 16.26 19.37
N LYS A 369 28.84 15.67 20.55
CA LYS A 369 27.72 15.63 21.50
C LYS A 369 27.51 16.94 22.27
N ALA A 370 26.25 17.35 22.44
CA ALA A 370 25.97 18.58 23.16
C ALA A 370 26.18 18.49 24.68
N ILE A 371 26.88 19.46 25.24
CA ILE A 371 27.05 19.56 26.70
C ILE A 371 25.73 20.26 27.11
N PHE A 372 25.35 21.27 26.32
CA PHE A 372 24.08 22.00 26.46
C PHE A 372 23.81 22.76 25.12
N MET B 1 8.36 -29.45 -12.98
CA MET B 1 7.30 -29.24 -11.94
C MET B 1 6.71 -27.81 -11.93
N ALA B 2 5.67 -27.62 -11.12
CA ALA B 2 4.99 -26.33 -11.01
C ALA B 2 5.90 -25.18 -10.59
N GLY B 3 5.57 -23.99 -11.09
CA GLY B 3 6.29 -22.80 -10.73
C GLY B 3 5.92 -22.42 -9.30
N VAL B 4 4.63 -22.56 -8.95
CA VAL B 4 4.20 -22.24 -7.60
C VAL B 4 3.24 -23.33 -7.16
N ARG B 5 3.35 -23.74 -5.90
CA ARG B 5 2.47 -24.79 -5.41
C ARG B 5 1.96 -24.55 -4.00
N LEU B 6 0.64 -24.69 -3.86
CA LEU B 6 0.00 -24.59 -2.57
C LEU B 6 -0.57 -26.00 -2.32
N VAL B 7 -0.32 -26.51 -1.11
CA VAL B 7 -0.81 -27.83 -0.72
C VAL B 7 -1.60 -27.72 0.58
N ASP B 8 -2.90 -27.94 0.47
CA ASP B 8 -3.80 -27.92 1.63
C ASP B 8 -3.62 -26.69 2.50
N VAL B 9 -3.59 -25.54 1.84
CA VAL B 9 -3.43 -24.29 2.55
C VAL B 9 -4.68 -23.70 3.15
N TRP B 10 -4.57 -23.34 4.44
CA TRP B 10 -5.65 -22.70 5.18
C TRP B 10 -5.17 -21.38 5.78
N LYS B 11 -6.14 -20.49 5.97
CA LYS B 11 -5.90 -19.24 6.70
C LYS B 11 -7.19 -19.01 7.47
N VAL B 12 -7.07 -18.97 8.79
CA VAL B 12 -8.24 -18.80 9.62
C VAL B 12 -7.95 -17.71 10.66
N PHE B 13 -9.02 -17.16 11.21
CA PHE B 13 -8.96 -16.14 12.29
C PHE B 13 -10.10 -16.56 13.21
N GLY B 14 -9.81 -17.31 14.27
CA GLY B 14 -10.92 -17.75 15.11
C GLY B 14 -11.92 -18.58 14.28
N GLU B 15 -13.20 -18.26 14.35
CA GLU B 15 -14.18 -19.03 13.60
C GLU B 15 -14.32 -18.64 12.12
N VAL B 16 -13.57 -17.63 11.70
CA VAL B 16 -13.63 -17.22 10.32
C VAL B 16 -12.54 -17.92 9.50
N THR B 17 -12.87 -18.37 8.30
CA THR B 17 -11.88 -19.01 7.45
C THR B 17 -11.74 -18.19 6.18
N ALA B 18 -10.54 -17.65 5.95
CA ALA B 18 -10.32 -16.83 4.74
C ALA B 18 -9.98 -17.70 3.53
N VAL B 19 -9.22 -18.77 3.76
CA VAL B 19 -8.83 -19.69 2.69
C VAL B 19 -8.94 -21.07 3.31
N ARG B 20 -9.62 -21.97 2.59
CA ARG B 20 -9.88 -23.31 3.13
C ARG B 20 -9.30 -24.43 2.30
N GLU B 21 -8.33 -25.14 2.88
CA GLU B 21 -7.67 -26.28 2.24
C GLU B 21 -7.47 -26.14 0.75
N MET B 22 -6.75 -25.09 0.37
CA MET B 22 -6.52 -24.86 -1.02
C MET B 22 -5.28 -25.52 -1.53
N SER B 23 -5.43 -26.27 -2.62
CA SER B 23 -4.26 -26.90 -3.26
C SER B 23 -4.34 -26.37 -4.68
N LEU B 24 -3.25 -25.81 -5.17
CA LEU B 24 -3.22 -25.18 -6.49
C LEU B 24 -1.81 -25.33 -7.04
N GLU B 25 -1.68 -25.69 -8.31
CA GLU B 25 -0.36 -25.79 -8.95
C GLU B 25 -0.40 -24.79 -10.08
N VAL B 26 0.53 -23.85 -10.08
CA VAL B 26 0.62 -22.84 -11.11
C VAL B 26 1.81 -23.26 -11.97
N LYS B 27 1.55 -23.45 -13.26
CA LYS B 27 2.59 -23.88 -14.19
C LYS B 27 3.64 -22.83 -14.48
N ASP B 28 4.88 -23.29 -14.62
CA ASP B 28 5.97 -22.41 -14.91
C ASP B 28 5.64 -21.63 -16.16
N GLY B 29 5.83 -20.31 -16.09
CA GLY B 29 5.59 -19.44 -17.25
C GLY B 29 4.14 -19.04 -17.55
N GLU B 30 3.15 -19.58 -16.83
CA GLU B 30 1.80 -19.20 -17.16
C GLU B 30 1.32 -17.94 -16.46
N PHE B 31 0.27 -17.35 -17.00
CA PHE B 31 -0.33 -16.14 -16.44
C PHE B 31 -1.60 -16.73 -15.83
N MET B 32 -1.57 -16.85 -14.51
CA MET B 32 -2.69 -17.39 -13.79
C MET B 32 -3.49 -16.30 -13.11
N ILE B 33 -4.81 -16.36 -13.24
CA ILE B 33 -5.65 -15.36 -12.60
C ILE B 33 -6.29 -15.93 -11.34
N LEU B 34 -6.39 -15.14 -10.27
CA LEU B 34 -7.14 -15.61 -9.08
C LEU B 34 -8.37 -14.68 -9.20
N LEU B 35 -9.52 -15.27 -9.44
CA LEU B 35 -10.74 -14.53 -9.69
C LEU B 35 -11.82 -14.94 -8.77
N GLY B 36 -12.58 -13.97 -8.26
CA GLY B 36 -13.68 -14.37 -7.40
C GLY B 36 -14.34 -13.12 -6.84
N PRO B 37 -15.49 -13.26 -6.18
CA PRO B 37 -16.15 -12.06 -5.63
C PRO B 37 -15.36 -11.48 -4.44
N SER B 38 -15.77 -10.31 -3.96
CA SER B 38 -15.07 -9.71 -2.81
C SER B 38 -15.19 -10.63 -1.61
N GLY B 39 -14.08 -10.77 -0.89
CA GLY B 39 -14.02 -11.63 0.28
C GLY B 39 -13.85 -13.10 -0.02
N CYS B 40 -13.54 -13.45 -1.27
CA CYS B 40 -13.45 -14.86 -1.59
C CYS B 40 -12.13 -15.52 -1.17
N GLY B 41 -11.16 -14.73 -0.71
CA GLY B 41 -9.89 -15.32 -0.29
C GLY B 41 -8.76 -15.15 -1.32
N LYS B 42 -9.09 -14.59 -2.47
CA LYS B 42 -8.06 -14.42 -3.51
C LYS B 42 -6.89 -13.55 -3.06
N THR B 43 -7.17 -12.45 -2.38
CA THR B 43 -6.09 -11.55 -1.93
C THR B 43 -5.25 -12.22 -0.82
N THR B 44 -5.91 -12.90 0.09
CA THR B 44 -5.22 -13.63 1.15
C THR B 44 -4.30 -14.66 0.49
N THR B 45 -4.80 -15.33 -0.55
CA THR B 45 -3.99 -16.34 -1.23
C THR B 45 -2.74 -15.68 -1.87
N LEU B 46 -2.91 -14.55 -2.54
CA LEU B 46 -1.74 -13.86 -3.14
C LEU B 46 -0.78 -13.42 -2.03
N ARG B 47 -1.31 -12.91 -0.92
CA ARG B 47 -0.40 -12.50 0.16
C ARG B 47 0.36 -13.67 0.77
N MET B 48 -0.26 -14.84 0.83
CA MET B 48 0.45 -15.98 1.38
C MET B 48 1.53 -16.43 0.44
N ILE B 49 1.27 -16.27 -0.86
CA ILE B 49 2.32 -16.65 -1.82
C ILE B 49 3.48 -15.64 -1.74
N ALA B 50 3.13 -14.38 -1.58
CA ALA B 50 4.14 -13.32 -1.47
C ALA B 50 4.93 -13.37 -0.15
N GLY B 51 4.28 -13.86 0.90
CA GLY B 51 4.92 -13.90 2.21
C GLY B 51 4.49 -12.72 3.06
N LEU B 52 3.46 -12.01 2.62
CA LEU B 52 2.97 -10.87 3.41
C LEU B 52 1.99 -11.36 4.48
N GLU B 53 1.68 -12.64 4.46
CA GLU B 53 0.71 -13.18 5.42
C GLU B 53 1.09 -14.64 5.59
N GLU B 54 1.01 -15.15 6.80
CA GLU B 54 1.44 -16.54 6.99
C GLU B 54 0.25 -17.49 6.92
N PRO B 55 0.44 -18.67 6.35
CA PRO B 55 -0.68 -19.60 6.32
C PRO B 55 -0.90 -20.17 7.75
N SER B 56 -2.14 -20.56 8.04
CA SER B 56 -2.46 -21.18 9.33
C SER B 56 -1.92 -22.62 9.28
N ARG B 57 -2.15 -23.26 8.13
CA ARG B 57 -1.67 -24.62 7.90
C ARG B 57 -1.42 -24.75 6.42
N GLY B 58 -0.61 -25.74 6.07
CA GLY B 58 -0.32 -26.03 4.67
C GLY B 58 1.11 -25.78 4.25
N GLN B 59 1.41 -26.14 2.99
CA GLN B 59 2.74 -25.92 2.44
C GLN B 59 2.66 -25.02 1.25
N ILE B 60 3.64 -24.12 1.11
CA ILE B 60 3.68 -23.27 -0.07
C ILE B 60 5.09 -23.35 -0.66
N TYR B 61 5.20 -23.56 -1.96
CA TYR B 61 6.52 -23.69 -2.62
C TYR B 61 6.60 -22.70 -3.78
N ILE B 62 7.79 -22.16 -3.98
CA ILE B 62 8.10 -21.27 -5.11
C ILE B 62 9.21 -22.13 -5.76
N GLY B 63 8.95 -22.64 -6.95
CA GLY B 63 9.93 -23.53 -7.55
C GLY B 63 10.10 -24.76 -6.65
N ASP B 64 11.36 -25.13 -6.40
CA ASP B 64 11.63 -26.30 -5.57
C ASP B 64 11.78 -25.93 -4.11
N LYS B 65 11.59 -24.66 -3.80
CA LYS B 65 11.73 -24.18 -2.45
C LYS B 65 10.45 -24.09 -1.62
N LEU B 66 10.46 -24.75 -0.46
CA LEU B 66 9.38 -24.70 0.51
C LEU B 66 9.53 -23.34 1.22
N VAL B 67 8.57 -22.44 1.01
CA VAL B 67 8.68 -21.15 1.62
C VAL B 67 7.81 -20.97 2.85
N ALA B 68 6.85 -21.87 3.06
CA ALA B 68 6.02 -21.79 4.25
C ALA B 68 5.45 -23.17 4.58
N ASP B 69 5.58 -23.55 5.85
CA ASP B 69 4.98 -24.75 6.41
C ASP B 69 4.99 -24.46 7.92
N PRO B 70 3.88 -23.90 8.43
CA PRO B 70 3.91 -23.62 9.86
C PRO B 70 4.12 -24.89 10.74
N GLU B 71 3.68 -26.06 10.32
CA GLU B 71 3.87 -27.26 11.15
C GLU B 71 5.36 -27.64 11.31
N LYS B 72 6.20 -27.04 10.49
CA LYS B 72 7.63 -27.30 10.54
C LYS B 72 8.36 -26.05 10.94
N GLY B 73 7.60 -25.03 11.31
CA GLY B 73 8.20 -23.79 11.76
C GLY B 73 8.90 -23.07 10.63
N ILE B 74 8.50 -23.35 9.42
CA ILE B 74 9.12 -22.69 8.25
C ILE B 74 8.32 -21.53 7.69
N PHE B 75 8.97 -20.37 7.62
CA PHE B 75 8.39 -19.16 7.05
C PHE B 75 9.51 -18.28 6.48
N VAL B 76 9.56 -18.21 5.16
CA VAL B 76 10.55 -17.39 4.50
C VAL B 76 9.97 -15.99 4.34
N PRO B 77 10.66 -14.96 4.86
CA PRO B 77 10.15 -13.58 4.73
C PRO B 77 9.99 -13.26 3.25
N PRO B 78 9.09 -12.32 2.92
CA PRO B 78 8.86 -11.96 1.51
C PRO B 78 10.08 -11.57 0.71
N LYS B 79 11.01 -10.85 1.35
CA LYS B 79 12.23 -10.45 0.64
C LYS B 79 13.18 -11.58 0.33
N ASP B 80 13.03 -12.71 1.02
CA ASP B 80 13.90 -13.85 0.76
C ASP B 80 13.28 -14.85 -0.21
N ARG B 81 12.10 -14.54 -0.76
CA ARG B 81 11.47 -15.44 -1.74
C ARG B 81 11.80 -14.84 -3.10
N ASP B 82 11.89 -15.67 -4.12
CA ASP B 82 12.28 -15.17 -5.46
C ASP B 82 11.01 -14.72 -6.18
N ILE B 83 10.40 -13.66 -5.67
CA ILE B 83 9.15 -13.16 -6.21
C ILE B 83 9.22 -11.65 -6.28
N ALA B 84 8.42 -11.08 -7.20
CA ALA B 84 8.32 -9.64 -7.34
C ALA B 84 6.84 -9.30 -7.19
N MET B 85 6.51 -8.53 -6.16
CA MET B 85 5.14 -8.09 -5.94
C MET B 85 5.19 -6.76 -6.64
N VAL B 86 4.58 -6.67 -7.82
CA VAL B 86 4.61 -5.42 -8.54
C VAL B 86 3.59 -4.48 -7.91
N PHE B 87 3.86 -4.11 -6.66
CA PHE B 87 3.02 -3.23 -5.84
C PHE B 87 3.93 -2.17 -5.23
N GLN B 88 3.81 -0.97 -5.79
CA GLN B 88 4.62 0.18 -5.43
C GLN B 88 4.84 0.55 -3.96
N SER B 89 3.77 0.63 -3.19
CA SER B 89 3.91 1.01 -1.80
C SER B 89 4.88 0.12 -1.01
N TYR B 90 4.95 -1.16 -1.41
CA TYR B 90 5.84 -2.12 -0.73
C TYR B 90 7.23 -2.25 -1.34
N ALA B 91 7.34 -2.11 -2.64
CA ALA B 91 8.60 -2.30 -3.32
C ALA B 91 9.59 -1.13 -3.31
N LEU B 92 9.04 0.07 -3.24
CA LEU B 92 9.84 1.27 -3.38
C LEU B 92 10.26 2.13 -2.17
N TYR B 93 11.48 2.67 -2.23
CA TYR B 93 12.01 3.57 -1.18
C TYR B 93 11.60 4.96 -1.69
N PRO B 94 10.61 5.60 -1.03
CA PRO B 94 10.20 6.92 -1.54
C PRO B 94 11.30 8.01 -1.55
N HIS B 95 12.33 7.87 -0.74
CA HIS B 95 13.39 8.88 -0.67
C HIS B 95 14.66 8.51 -1.41
N MET B 96 14.62 7.40 -2.14
CA MET B 96 15.78 6.99 -2.96
C MET B 96 15.43 7.36 -4.42
N THR B 97 16.40 7.69 -5.27
CA THR B 97 16.01 8.07 -6.65
C THR B 97 15.39 6.90 -7.40
N VAL B 98 14.67 7.22 -8.49
CA VAL B 98 14.06 6.17 -9.31
C VAL B 98 15.18 5.26 -9.77
N TYR B 99 16.29 5.88 -10.17
CA TYR B 99 17.42 5.07 -10.64
C TYR B 99 17.85 4.04 -9.57
N ASP B 100 18.12 4.50 -8.35
CA ASP B 100 18.53 3.62 -7.26
C ASP B 100 17.49 2.56 -6.87
N ASN B 101 16.21 2.90 -7.00
CA ASN B 101 15.14 1.95 -6.72
C ASN B 101 15.21 0.78 -7.74
N ILE B 102 15.37 1.14 -9.00
CA ILE B 102 15.46 0.11 -10.03
C ILE B 102 16.78 -0.68 -9.96
N ALA B 103 17.87 -0.01 -9.58
CA ALA B 103 19.16 -0.68 -9.47
C ALA B 103 19.27 -1.59 -8.25
N PHE B 104 18.48 -1.30 -7.21
CA PHE B 104 18.59 -2.05 -5.97
C PHE B 104 18.73 -3.57 -6.03
N PRO B 105 17.85 -4.28 -6.76
CA PRO B 105 17.98 -5.75 -6.81
C PRO B 105 19.35 -6.15 -7.35
N LEU B 106 19.83 -5.40 -8.33
CA LEU B 106 21.11 -5.72 -8.95
C LEU B 106 22.31 -5.40 -8.07
N LYS B 107 22.29 -4.27 -7.34
CA LYS B 107 23.46 -4.00 -6.52
C LYS B 107 23.47 -4.90 -5.30
N LEU B 108 22.28 -5.37 -4.92
CA LEU B 108 22.15 -6.27 -3.80
C LEU B 108 22.87 -7.58 -4.18
N ARG B 109 22.82 -7.92 -5.46
CA ARG B 109 23.44 -9.15 -5.95
C ARG B 109 24.81 -8.94 -6.60
N LYS B 110 25.43 -7.82 -6.24
CA LYS B 110 26.76 -7.44 -6.72
C LYS B 110 26.99 -7.47 -8.22
N VAL B 111 26.00 -7.00 -8.99
CA VAL B 111 26.15 -6.97 -10.43
C VAL B 111 27.11 -5.82 -10.72
N PRO B 112 27.98 -5.95 -11.71
CA PRO B 112 28.90 -4.83 -11.96
C PRO B 112 28.19 -3.49 -12.25
N ARG B 113 28.82 -2.41 -11.78
CA ARG B 113 28.28 -1.07 -11.93
C ARG B 113 27.87 -0.69 -13.36
N GLN B 114 28.72 -1.03 -14.34
CA GLN B 114 28.41 -0.72 -15.74
C GLN B 114 27.19 -1.51 -16.18
N GLU B 115 27.10 -2.77 -15.77
CA GLU B 115 25.96 -3.60 -16.16
C GLU B 115 24.67 -3.06 -15.53
N ILE B 116 24.73 -2.74 -14.23
CA ILE B 116 23.56 -2.18 -13.56
C ILE B 116 23.05 -0.95 -14.30
N ASP B 117 23.97 -0.03 -14.61
CA ASP B 117 23.64 1.20 -15.32
C ASP B 117 22.94 0.96 -16.65
N GLN B 118 23.39 -0.05 -17.39
CA GLN B 118 22.77 -0.27 -18.69
C GLN B 118 21.42 -0.97 -18.54
N ARG B 119 21.33 -1.92 -17.62
CA ARG B 119 20.07 -2.62 -17.41
C ARG B 119 19.01 -1.67 -16.85
N VAL B 120 19.41 -0.79 -15.93
CA VAL B 120 18.43 0.16 -15.36
C VAL B 120 17.95 1.13 -16.45
N ARG B 121 18.89 1.67 -17.22
CA ARG B 121 18.51 2.61 -18.26
C ARG B 121 17.68 1.95 -19.36
N GLU B 122 17.92 0.67 -19.62
CA GLU B 122 17.18 -0.03 -20.65
C GLU B 122 15.72 -0.19 -20.22
N VAL B 123 15.52 -0.75 -19.03
CA VAL B 123 14.16 -0.94 -18.56
C VAL B 123 13.43 0.41 -18.39
N ALA B 124 14.15 1.47 -17.97
CA ALA B 124 13.51 2.79 -17.81
C ALA B 124 13.01 3.34 -19.13
N GLU B 125 13.82 3.21 -20.17
CA GLU B 125 13.43 3.70 -21.48
C GLU B 125 12.19 2.92 -21.97
N LEU B 126 12.24 1.59 -21.82
CA LEU B 126 11.13 0.72 -22.22
C LEU B 126 9.82 1.19 -21.58
N LEU B 127 9.91 1.65 -20.33
CA LEU B 127 8.71 2.09 -19.61
C LEU B 127 8.42 3.59 -19.59
N GLY B 128 9.18 4.37 -20.36
CA GLY B 128 8.98 5.81 -20.41
C GLY B 128 9.40 6.53 -19.13
N LEU B 129 10.38 5.96 -18.43
CA LEU B 129 10.82 6.49 -17.14
C LEU B 129 12.14 7.23 -17.19
N THR B 130 12.74 7.28 -18.37
CA THR B 130 14.04 7.92 -18.51
C THR B 130 14.17 9.32 -17.92
N GLU B 131 13.22 10.20 -18.20
CA GLU B 131 13.33 11.55 -17.67
C GLU B 131 13.10 11.61 -16.17
N LEU B 132 12.68 10.50 -15.56
CA LEU B 132 12.42 10.46 -14.13
C LEU B 132 13.50 9.79 -13.27
N LEU B 133 14.58 9.34 -13.91
CA LEU B 133 15.63 8.65 -13.20
C LEU B 133 16.23 9.31 -11.98
N ASN B 134 16.34 10.64 -12.02
CA ASN B 134 16.91 11.36 -10.89
C ASN B 134 15.87 11.91 -9.91
N ARG B 135 14.59 11.56 -10.10
CA ARG B 135 13.53 12.00 -9.19
C ARG B 135 13.36 10.91 -8.11
N LYS B 136 12.74 11.25 -7.00
CA LYS B 136 12.49 10.26 -5.93
C LYS B 136 11.00 9.97 -6.03
N PRO B 137 10.61 8.71 -5.80
CA PRO B 137 9.18 8.35 -5.89
C PRO B 137 8.19 9.22 -5.10
N ARG B 138 8.65 9.81 -3.98
CA ARG B 138 7.76 10.65 -3.19
C ARG B 138 7.28 11.87 -3.99
N GLU B 139 7.99 12.19 -5.07
CA GLU B 139 7.62 13.34 -5.90
C GLU B 139 6.77 12.94 -7.11
N LEU B 140 6.66 11.64 -7.39
CA LEU B 140 5.93 11.21 -8.58
C LEU B 140 4.43 10.93 -8.42
N SER B 141 3.74 10.85 -9.56
CA SER B 141 2.32 10.55 -9.57
C SER B 141 2.16 9.06 -9.29
N GLY B 142 0.95 8.66 -8.94
CA GLY B 142 0.69 7.26 -8.66
C GLY B 142 1.03 6.34 -9.84
N GLY B 143 0.67 6.75 -11.05
CA GLY B 143 0.94 5.95 -12.24
C GLY B 143 2.44 5.81 -12.49
N GLN B 144 3.16 6.89 -12.29
CA GLN B 144 4.61 6.88 -12.46
C GLN B 144 5.25 5.92 -11.43
N ARG B 145 4.77 5.98 -10.19
CA ARG B 145 5.29 5.08 -9.16
C ARG B 145 5.03 3.61 -9.51
N GLN B 146 3.83 3.30 -10.02
CA GLN B 146 3.53 1.92 -10.37
C GLN B 146 4.52 1.47 -11.47
N ARG B 147 4.80 2.34 -12.42
CA ARG B 147 5.75 1.97 -13.47
C ARG B 147 7.15 1.74 -12.97
N VAL B 148 7.58 2.55 -12.03
CA VAL B 148 8.90 2.38 -11.45
C VAL B 148 8.95 1.00 -10.75
N ALA B 149 7.87 0.62 -10.05
CA ALA B 149 7.86 -0.70 -9.37
C ALA B 149 7.95 -1.82 -10.40
N LEU B 150 7.30 -1.61 -11.54
CA LEU B 150 7.32 -2.59 -12.62
C LEU B 150 8.76 -2.73 -13.13
N GLY B 151 9.41 -1.60 -13.35
CA GLY B 151 10.79 -1.67 -13.82
C GLY B 151 11.69 -2.41 -12.84
N ARG B 152 11.54 -2.11 -11.56
CA ARG B 152 12.34 -2.77 -10.54
C ARG B 152 12.00 -4.27 -10.55
N ALA B 153 10.74 -4.60 -10.80
CA ALA B 153 10.33 -6.00 -10.81
C ALA B 153 10.92 -6.76 -12.01
N ILE B 154 10.91 -6.12 -13.16
CA ILE B 154 11.40 -6.83 -14.32
C ILE B 154 12.88 -6.64 -14.64
N VAL B 155 13.58 -5.76 -13.91
CA VAL B 155 14.99 -5.51 -14.23
C VAL B 155 15.86 -6.73 -13.96
N ARG B 156 15.46 -7.49 -12.96
CA ARG B 156 16.14 -8.70 -12.56
C ARG B 156 15.52 -9.85 -13.40
N LYS B 157 14.62 -10.57 -12.74
CA LYS B 157 13.86 -11.71 -13.29
C LYS B 157 13.61 -12.63 -12.08
N PRO B 158 12.50 -12.44 -11.39
CA PRO B 158 12.22 -13.31 -10.24
C PRO B 158 11.61 -14.57 -10.82
N GLN B 159 11.27 -15.53 -9.97
CA GLN B 159 10.63 -16.75 -10.43
C GLN B 159 9.12 -16.50 -10.61
N VAL B 160 8.57 -15.52 -9.88
CA VAL B 160 7.13 -15.23 -10.01
C VAL B 160 6.82 -13.76 -9.87
N PHE B 161 5.88 -13.28 -10.66
CA PHE B 161 5.43 -11.90 -10.58
C PHE B 161 4.05 -12.00 -9.89
N LEU B 162 3.78 -11.10 -8.94
CA LEU B 162 2.46 -11.13 -8.29
C LEU B 162 1.85 -9.77 -8.50
N MET B 163 0.56 -9.72 -8.85
CA MET B 163 -0.09 -8.44 -9.02
C MET B 163 -1.49 -8.53 -8.44
N ASP B 164 -1.93 -7.42 -7.91
CA ASP B 164 -3.24 -7.39 -7.33
C ASP B 164 -4.07 -6.23 -7.89
N GLU B 165 -4.99 -6.54 -8.80
CA GLU B 165 -5.88 -5.55 -9.38
C GLU B 165 -5.10 -4.28 -9.80
N PRO B 166 -3.96 -4.44 -10.50
CA PRO B 166 -3.16 -3.27 -10.91
C PRO B 166 -3.80 -2.23 -11.85
N LEU B 167 -4.90 -2.56 -12.52
CA LEU B 167 -5.53 -1.64 -13.47
C LEU B 167 -6.85 -1.06 -12.97
N SER B 168 -7.20 -1.29 -11.70
CA SER B 168 -8.48 -0.80 -11.16
C SER B 168 -8.66 0.71 -11.22
N ASN B 169 -7.56 1.45 -11.16
CA ASN B 169 -7.59 2.90 -11.19
C ASN B 169 -7.35 3.48 -12.60
N LEU B 170 -7.90 2.84 -13.63
CA LEU B 170 -7.67 3.32 -15.01
C LEU B 170 -8.93 3.57 -15.86
N ASP B 171 -8.83 4.51 -16.79
CA ASP B 171 -9.95 4.81 -17.68
C ASP B 171 -10.12 3.57 -18.56
N ALA B 172 -11.36 3.29 -18.94
CA ALA B 172 -11.71 2.10 -19.72
C ALA B 172 -10.85 1.79 -20.93
N LYS B 173 -10.55 2.81 -21.71
CA LYS B 173 -9.76 2.62 -22.92
C LYS B 173 -8.34 2.23 -22.58
N LEU B 174 -7.77 2.96 -21.62
CA LEU B 174 -6.42 2.69 -21.20
C LEU B 174 -6.34 1.30 -20.57
N ARG B 175 -7.39 0.91 -19.85
CA ARG B 175 -7.40 -0.40 -19.22
C ARG B 175 -7.37 -1.54 -20.26
N VAL B 176 -8.17 -1.40 -21.32
CA VAL B 176 -8.25 -2.42 -22.39
C VAL B 176 -6.87 -2.55 -23.02
N ARG B 177 -6.22 -1.43 -23.29
CA ARG B 177 -4.90 -1.41 -23.87
C ARG B 177 -3.86 -2.05 -22.94
N MET B 178 -3.91 -1.68 -21.66
CA MET B 178 -2.97 -2.22 -20.66
C MET B 178 -3.14 -3.72 -20.45
N ARG B 179 -4.37 -4.23 -20.51
CA ARG B 179 -4.55 -5.68 -20.38
C ARG B 179 -3.75 -6.34 -21.50
N ALA B 180 -3.86 -5.78 -22.70
CA ALA B 180 -3.12 -6.39 -23.82
C ALA B 180 -1.62 -6.23 -23.64
N GLU B 181 -1.19 -5.03 -23.28
CA GLU B 181 0.24 -4.74 -23.11
C GLU B 181 0.90 -5.58 -22.00
N LEU B 182 0.22 -5.70 -20.86
CA LEU B 182 0.74 -6.51 -19.74
C LEU B 182 0.89 -7.98 -20.12
N LYS B 183 -0.08 -8.51 -20.84
CA LYS B 183 0.02 -9.93 -21.21
C LYS B 183 1.12 -10.15 -22.26
N LYS B 184 1.29 -9.19 -23.16
CA LYS B 184 2.30 -9.32 -24.19
C LYS B 184 3.68 -9.33 -23.50
N LEU B 185 3.89 -8.40 -22.59
CA LEU B 185 5.16 -8.35 -21.86
C LEU B 185 5.40 -9.63 -21.03
N GLN B 186 4.37 -10.13 -20.33
CA GLN B 186 4.52 -11.36 -19.55
C GLN B 186 4.95 -12.47 -20.48
N ARG B 187 4.29 -12.60 -21.63
CA ARG B 187 4.67 -13.64 -22.59
C ARG B 187 6.11 -13.44 -23.06
N GLN B 188 6.50 -12.19 -23.32
CA GLN B 188 7.88 -11.93 -23.75
C GLN B 188 8.87 -12.38 -22.67
N LEU B 189 8.59 -12.02 -21.41
CA LEU B 189 9.46 -12.38 -20.29
C LEU B 189 9.41 -13.87 -19.94
N GLY B 190 8.25 -14.49 -20.13
CA GLY B 190 8.04 -15.91 -19.83
C GLY B 190 8.02 -16.26 -18.35
N VAL B 191 7.78 -15.26 -17.49
CA VAL B 191 7.80 -15.48 -16.05
C VAL B 191 6.41 -15.75 -15.48
N THR B 192 6.33 -16.79 -14.63
CA THR B 192 5.10 -17.21 -13.96
C THR B 192 4.47 -15.96 -13.36
N THR B 193 3.17 -15.78 -13.61
CA THR B 193 2.52 -14.60 -13.08
C THR B 193 1.19 -15.01 -12.40
N ILE B 194 0.95 -14.46 -11.21
CA ILE B 194 -0.28 -14.73 -10.47
C ILE B 194 -0.88 -13.34 -10.24
N TYR B 195 -2.11 -13.21 -10.73
CA TYR B 195 -2.79 -11.93 -10.83
C TYR B 195 -4.22 -12.02 -10.28
N VAL B 196 -4.50 -11.18 -9.30
CA VAL B 196 -5.80 -11.17 -8.68
C VAL B 196 -6.73 -10.14 -9.30
N THR B 197 -7.95 -10.54 -9.60
CA THR B 197 -8.90 -9.56 -10.06
C THR B 197 -10.28 -10.07 -9.75
N HIS B 198 -11.21 -9.13 -9.60
CA HIS B 198 -12.60 -9.52 -9.42
C HIS B 198 -13.29 -9.42 -10.78
N ASP B 199 -12.60 -8.83 -11.78
CA ASP B 199 -13.19 -8.55 -13.11
C ASP B 199 -13.14 -9.76 -14.04
N GLN B 200 -14.31 -10.32 -14.31
CA GLN B 200 -14.46 -11.52 -15.13
C GLN B 200 -13.91 -11.34 -16.54
N VAL B 201 -14.17 -10.18 -17.14
CA VAL B 201 -13.68 -9.93 -18.51
C VAL B 201 -12.17 -9.80 -18.49
N GLU B 202 -11.64 -9.09 -17.48
CA GLU B 202 -10.21 -8.96 -17.39
C GLU B 202 -9.60 -10.37 -17.27
N ALA B 203 -10.18 -11.19 -16.41
CA ALA B 203 -9.67 -12.56 -16.20
C ALA B 203 -9.70 -13.37 -17.48
N MET B 204 -10.85 -13.38 -18.15
CA MET B 204 -10.96 -14.21 -19.35
C MET B 204 -10.12 -13.67 -20.51
N THR B 205 -9.88 -12.36 -20.47
CA THR B 205 -9.07 -11.71 -21.51
C THR B 205 -7.56 -11.96 -21.31
N MET B 206 -7.08 -11.80 -20.08
CA MET B 206 -5.66 -11.93 -19.81
C MET B 206 -5.13 -13.30 -19.40
N GLY B 207 -5.97 -14.08 -18.75
CA GLY B 207 -5.43 -15.31 -18.24
C GLY B 207 -5.23 -16.49 -19.15
N ASP B 208 -4.18 -17.26 -18.86
CA ASP B 208 -3.93 -18.54 -19.56
C ASP B 208 -4.87 -19.51 -18.86
N ARG B 209 -4.91 -19.42 -17.53
CA ARG B 209 -5.83 -20.25 -16.77
C ARG B 209 -6.39 -19.33 -15.67
N ILE B 210 -7.53 -19.73 -15.12
CA ILE B 210 -8.19 -18.93 -14.11
C ILE B 210 -8.55 -19.84 -12.94
N ALA B 211 -8.18 -19.43 -11.73
CA ALA B 211 -8.55 -20.19 -10.53
C ALA B 211 -9.72 -19.40 -9.91
N VAL B 212 -10.91 -19.97 -9.99
CA VAL B 212 -12.11 -19.30 -9.49
C VAL B 212 -12.29 -19.66 -8.02
N MET B 213 -12.46 -18.65 -7.18
CA MET B 213 -12.65 -18.88 -5.77
C MET B 213 -13.97 -18.36 -5.26
N ASN B 214 -14.47 -18.99 -4.20
CA ASN B 214 -15.70 -18.49 -3.57
C ASN B 214 -15.62 -18.89 -2.10
N ARG B 215 -15.78 -17.89 -1.25
CA ARG B 215 -15.78 -18.05 0.21
C ARG B 215 -14.60 -18.87 0.69
N GLY B 216 -13.43 -18.58 0.15
CA GLY B 216 -12.22 -19.25 0.57
C GLY B 216 -11.93 -20.58 -0.06
N VAL B 217 -12.83 -21.05 -0.91
CA VAL B 217 -12.64 -22.35 -1.52
C VAL B 217 -12.39 -22.28 -3.03
N LEU B 218 -11.40 -23.02 -3.49
CA LEU B 218 -11.05 -23.06 -4.91
C LEU B 218 -12.14 -23.87 -5.62
N GLN B 219 -12.84 -23.23 -6.55
CA GLN B 219 -13.96 -23.86 -7.22
C GLN B 219 -13.59 -24.62 -8.48
N GLN B 220 -12.64 -24.08 -9.22
CA GLN B 220 -12.20 -24.66 -10.48
C GLN B 220 -10.96 -23.94 -10.96
N VAL B 221 -10.11 -24.64 -11.69
CA VAL B 221 -8.94 -24.01 -12.30
C VAL B 221 -9.05 -24.44 -13.77
N GLY B 222 -9.07 -23.48 -14.70
CA GLY B 222 -9.20 -23.88 -16.11
C GLY B 222 -8.96 -22.70 -17.02
N SER B 223 -8.89 -22.97 -18.32
CA SER B 223 -8.70 -21.89 -19.28
C SER B 223 -10.02 -21.07 -19.33
N PRO B 224 -9.99 -19.92 -19.99
CA PRO B 224 -11.22 -19.13 -20.07
C PRO B 224 -12.33 -19.98 -20.68
N ASP B 225 -12.01 -20.79 -21.72
CA ASP B 225 -13.07 -21.63 -22.31
C ASP B 225 -13.62 -22.66 -21.35
N GLU B 226 -12.75 -23.26 -20.54
CA GLU B 226 -13.21 -24.26 -19.61
C GLU B 226 -14.13 -23.69 -18.53
N VAL B 227 -13.77 -22.52 -17.97
CA VAL B 227 -14.59 -21.99 -16.89
C VAL B 227 -15.89 -21.45 -17.41
N TYR B 228 -15.91 -21.06 -18.69
CA TYR B 228 -17.14 -20.52 -19.26
C TYR B 228 -18.07 -21.62 -19.80
N ASP B 229 -17.51 -22.51 -20.62
CA ASP B 229 -18.27 -23.61 -21.24
C ASP B 229 -18.39 -24.87 -20.37
N LYS B 230 -17.46 -25.07 -19.45
CA LYS B 230 -17.56 -26.26 -18.59
C LYS B 230 -17.47 -25.88 -17.12
N PRO B 231 -18.37 -25.00 -16.66
CA PRO B 231 -18.37 -24.58 -15.25
C PRO B 231 -18.41 -25.81 -14.34
N ALA B 232 -17.55 -25.86 -13.33
CA ALA B 232 -17.52 -27.05 -12.46
C ALA B 232 -18.68 -27.22 -11.51
N ASN B 233 -19.39 -26.14 -11.21
CA ASN B 233 -20.52 -26.20 -10.29
C ASN B 233 -21.40 -25.00 -10.50
N THR B 234 -22.52 -24.95 -9.80
CA THR B 234 -23.42 -23.82 -10.02
C THR B 234 -22.79 -22.46 -9.65
N PHE B 235 -21.85 -22.44 -8.71
CA PHE B 235 -21.26 -21.13 -8.39
C PHE B 235 -20.54 -20.55 -9.63
N VAL B 236 -19.63 -21.34 -10.20
CA VAL B 236 -18.84 -20.90 -11.35
C VAL B 236 -19.78 -20.55 -12.52
N ALA B 237 -20.80 -21.39 -12.70
CA ALA B 237 -21.78 -21.20 -13.79
C ALA B 237 -22.54 -19.89 -13.65
N GLY B 238 -22.82 -19.51 -12.40
CA GLY B 238 -23.55 -18.30 -12.18
C GLY B 238 -22.72 -17.05 -11.96
N PHE B 239 -21.43 -17.22 -11.74
CA PHE B 239 -20.57 -16.09 -11.50
C PHE B 239 -20.00 -15.43 -12.77
N ILE B 240 -19.82 -16.24 -13.80
CA ILE B 240 -19.25 -15.74 -15.05
C ILE B 240 -20.27 -15.71 -16.14
N GLY B 241 -20.49 -14.53 -16.70
CA GLY B 241 -21.44 -14.40 -17.79
C GLY B 241 -22.43 -13.28 -17.61
N SER B 242 -22.75 -12.61 -18.70
CA SER B 242 -23.71 -11.54 -18.65
C SER B 242 -24.66 -11.57 -19.86
N PRO B 243 -25.98 -11.65 -19.62
CA PRO B 243 -26.66 -11.75 -18.33
C PRO B 243 -26.26 -13.10 -17.75
N PRO B 244 -26.54 -13.33 -16.48
CA PRO B 244 -26.18 -14.58 -15.83
C PRO B 244 -26.85 -15.80 -16.44
N MET B 245 -26.21 -16.95 -16.24
CA MET B 245 -26.79 -18.20 -16.71
C MET B 245 -28.16 -18.36 -16.01
N ASN B 246 -29.14 -18.92 -16.72
CA ASN B 246 -30.47 -19.14 -16.16
C ASN B 246 -30.40 -20.51 -15.49
N PHE B 247 -31.04 -20.65 -14.34
CA PHE B 247 -31.06 -21.93 -13.67
C PHE B 247 -32.50 -22.26 -13.41
N LEU B 248 -32.85 -23.53 -13.63
CA LEU B 248 -34.22 -23.99 -13.42
C LEU B 248 -34.23 -25.35 -12.69
N ASP B 249 -35.22 -25.57 -11.83
CA ASP B 249 -35.29 -26.88 -11.18
C ASP B 249 -35.91 -27.84 -12.18
N ALA B 250 -35.41 -29.07 -12.22
CA ALA B 250 -35.97 -30.05 -13.14
C ALA B 250 -35.87 -31.47 -12.58
N ILE B 251 -36.66 -32.37 -13.18
CA ILE B 251 -36.66 -33.80 -12.86
C ILE B 251 -36.19 -34.45 -14.17
N VAL B 252 -35.21 -35.35 -14.10
CA VAL B 252 -34.79 -36.08 -15.30
C VAL B 252 -35.85 -37.21 -15.39
N THR B 253 -36.52 -37.33 -16.55
CA THR B 253 -37.58 -38.32 -16.70
C THR B 253 -37.15 -39.65 -17.33
N GLU B 254 -37.92 -40.71 -17.10
CA GLU B 254 -37.56 -41.98 -17.68
C GLU B 254 -37.62 -41.93 -19.19
N ASP B 255 -38.45 -41.04 -19.73
CA ASP B 255 -38.52 -40.98 -21.18
C ASP B 255 -37.50 -40.04 -21.86
N GLY B 256 -36.49 -39.60 -21.09
CA GLY B 256 -35.41 -38.79 -21.63
C GLY B 256 -35.56 -37.28 -21.69
N PHE B 257 -36.36 -36.71 -20.80
CA PHE B 257 -36.59 -35.26 -20.78
C PHE B 257 -36.20 -34.63 -19.43
N VAL B 258 -35.96 -33.31 -19.45
CA VAL B 258 -35.75 -32.57 -18.22
C VAL B 258 -37.13 -31.91 -18.10
N ASP B 259 -37.82 -32.21 -17.01
CA ASP B 259 -39.15 -31.67 -16.78
C ASP B 259 -39.09 -30.55 -15.74
N PHE B 260 -39.52 -29.36 -16.15
CA PHE B 260 -39.52 -28.15 -15.31
C PHE B 260 -40.87 -27.92 -14.64
N GLY B 261 -41.80 -28.83 -14.85
CA GLY B 261 -43.12 -28.66 -14.27
C GLY B 261 -43.96 -27.90 -15.28
N GLU B 262 -43.57 -26.66 -15.55
CA GLU B 262 -44.28 -25.79 -16.50
C GLU B 262 -44.09 -26.22 -17.94
N PHE B 263 -43.01 -26.92 -18.22
CA PHE B 263 -42.69 -27.41 -19.55
C PHE B 263 -41.55 -28.41 -19.50
N ARG B 264 -41.29 -29.06 -20.63
CA ARG B 264 -40.22 -30.06 -20.72
C ARG B 264 -39.36 -29.84 -21.92
N LEU B 265 -38.14 -30.36 -21.87
CA LEU B 265 -37.22 -30.27 -22.98
C LEU B 265 -36.63 -31.65 -23.11
N LYS B 266 -36.36 -32.08 -24.34
CA LYS B 266 -35.79 -33.41 -24.53
C LYS B 266 -34.29 -33.38 -24.52
N LEU B 267 -33.70 -34.17 -23.62
CA LEU B 267 -32.25 -34.24 -23.54
C LEU B 267 -31.69 -34.91 -24.75
N LEU B 268 -30.42 -34.64 -25.06
CA LEU B 268 -29.79 -35.27 -26.17
C LEU B 268 -29.42 -36.69 -25.69
N PRO B 269 -29.36 -37.66 -26.61
CA PRO B 269 -29.02 -39.04 -26.24
C PRO B 269 -27.86 -39.19 -25.27
N ASP B 270 -26.70 -38.65 -25.63
CA ASP B 270 -25.53 -38.76 -24.76
C ASP B 270 -25.72 -38.17 -23.38
N GLN B 271 -26.48 -37.09 -23.30
CA GLN B 271 -26.70 -36.44 -22.02
C GLN B 271 -27.52 -37.37 -21.14
N PHE B 272 -28.59 -37.91 -21.74
CA PHE B 272 -29.49 -38.79 -21.02
C PHE B 272 -28.77 -40.05 -20.57
N GLU B 273 -27.82 -40.52 -21.38
CA GLU B 273 -27.06 -41.72 -21.04
C GLU B 273 -26.12 -41.49 -19.87
N VAL B 274 -25.45 -40.33 -19.85
CA VAL B 274 -24.54 -40.07 -18.74
C VAL B 274 -25.37 -39.91 -17.50
N LEU B 275 -26.52 -39.25 -17.62
CA LEU B 275 -27.36 -39.08 -16.44
C LEU B 275 -27.92 -40.46 -16.02
N GLY B 276 -28.08 -41.35 -17.00
CA GLY B 276 -28.60 -42.68 -16.71
C GLY B 276 -27.58 -43.42 -15.88
N GLU B 277 -26.36 -43.51 -16.41
CA GLU B 277 -25.24 -44.19 -15.75
C GLU B 277 -24.99 -43.71 -14.34
N LEU B 278 -25.17 -42.43 -14.09
CA LEU B 278 -24.92 -41.86 -12.77
C LEU B 278 -26.07 -41.97 -11.79
N GLY B 279 -27.23 -42.42 -12.26
CA GLY B 279 -28.36 -42.58 -11.36
C GLY B 279 -29.28 -41.40 -11.14
N TYR B 280 -29.26 -40.42 -12.04
CA TYR B 280 -30.11 -39.24 -11.91
C TYR B 280 -31.50 -39.39 -12.49
N VAL B 281 -31.72 -40.44 -13.28
CA VAL B 281 -33.03 -40.62 -13.87
C VAL B 281 -34.05 -40.80 -12.78
N GLY B 282 -35.04 -39.92 -12.78
CA GLY B 282 -36.08 -39.95 -11.78
C GLY B 282 -35.81 -38.93 -10.68
N ARG B 283 -34.62 -38.35 -10.69
CA ARG B 283 -34.23 -37.36 -9.67
C ARG B 283 -34.33 -35.87 -10.06
N GLU B 284 -34.44 -35.03 -9.04
CA GLU B 284 -34.49 -33.59 -9.24
C GLU B 284 -33.04 -33.14 -9.41
N VAL B 285 -32.80 -32.28 -10.39
CA VAL B 285 -31.46 -31.76 -10.64
C VAL B 285 -31.60 -30.24 -10.91
N ILE B 286 -30.46 -29.60 -11.13
CA ILE B 286 -30.47 -28.17 -11.48
C ILE B 286 -30.08 -28.05 -12.96
N PHE B 287 -30.94 -27.38 -13.73
CA PHE B 287 -30.71 -27.18 -15.15
C PHE B 287 -30.23 -25.73 -15.38
N GLY B 288 -29.26 -25.57 -16.27
CA GLY B 288 -28.77 -24.25 -16.56
C GLY B 288 -28.54 -24.02 -18.04
N ILE B 289 -28.83 -22.82 -18.50
CA ILE B 289 -28.56 -22.51 -19.89
C ILE B 289 -28.33 -21.00 -19.95
N ARG B 290 -27.32 -20.59 -20.71
CA ARG B 290 -27.06 -19.15 -20.83
C ARG B 290 -28.04 -18.43 -21.77
N PRO B 291 -28.28 -17.12 -21.54
CA PRO B 291 -29.17 -16.32 -22.39
C PRO B 291 -28.75 -16.38 -23.88
N GLU B 292 -27.45 -16.48 -24.15
CA GLU B 292 -26.97 -16.47 -25.56
C GLU B 292 -27.36 -17.76 -26.28
N ASP B 293 -27.82 -18.74 -25.51
CA ASP B 293 -28.18 -20.04 -26.07
C ASP B 293 -29.68 -20.27 -26.17
N LEU B 294 -30.45 -19.19 -25.96
CA LEU B 294 -31.89 -19.18 -26.10
C LEU B 294 -32.12 -18.37 -27.35
N TYR B 295 -33.11 -18.77 -28.16
CA TYR B 295 -33.39 -18.08 -29.42
C TYR B 295 -34.86 -17.84 -29.71
N ASP B 296 -35.13 -16.76 -30.44
CA ASP B 296 -36.49 -16.49 -30.91
C ASP B 296 -36.68 -17.62 -31.97
N ALA B 297 -37.74 -18.41 -31.85
CA ALA B 297 -38.00 -19.51 -32.80
C ALA B 297 -38.22 -19.05 -34.24
N MET B 298 -38.52 -17.77 -34.42
CA MET B 298 -38.72 -17.25 -35.76
C MET B 298 -37.46 -17.39 -36.61
N PHE B 299 -36.31 -17.29 -35.97
CA PHE B 299 -35.05 -17.34 -36.70
C PHE B 299 -34.10 -18.45 -36.26
N ALA B 300 -34.52 -19.28 -35.32
CA ALA B 300 -33.65 -20.35 -34.81
C ALA B 300 -33.26 -21.34 -35.90
N GLN B 301 -32.07 -21.92 -35.77
CA GLN B 301 -31.57 -22.86 -36.76
C GLN B 301 -32.35 -24.17 -36.86
N VAL B 302 -32.75 -24.70 -35.70
CA VAL B 302 -33.48 -25.97 -35.62
C VAL B 302 -34.62 -25.83 -34.61
N ARG B 303 -35.83 -25.96 -35.12
CA ARG B 303 -37.02 -25.83 -34.31
C ARG B 303 -37.72 -27.16 -34.18
N VAL B 304 -37.77 -27.70 -32.96
CA VAL B 304 -38.41 -28.99 -32.73
C VAL B 304 -39.48 -28.97 -31.66
N PRO B 305 -40.75 -28.81 -32.06
CA PRO B 305 -41.84 -28.78 -31.09
C PRO B 305 -41.73 -30.05 -30.26
N GLY B 306 -41.89 -29.87 -28.96
CA GLY B 306 -41.76 -30.98 -28.03
C GLY B 306 -40.35 -31.02 -27.42
N GLU B 307 -39.34 -31.10 -28.29
CA GLU B 307 -37.98 -31.26 -27.84
C GLU B 307 -37.14 -30.06 -27.38
N ASN B 308 -37.11 -28.98 -28.16
CA ASN B 308 -36.26 -27.85 -27.76
C ASN B 308 -37.01 -26.50 -27.83
N LEU B 309 -38.33 -26.59 -27.81
CA LEU B 309 -39.17 -25.40 -27.97
C LEU B 309 -40.19 -25.21 -26.88
N VAL B 310 -40.43 -23.96 -26.50
CA VAL B 310 -41.47 -23.70 -25.53
C VAL B 310 -42.07 -22.33 -25.78
N ARG B 311 -43.39 -22.17 -25.58
CA ARG B 311 -44.00 -20.88 -25.77
C ARG B 311 -43.98 -20.12 -24.45
N ALA B 312 -43.46 -18.90 -24.49
CA ALA B 312 -43.36 -18.10 -23.28
C ALA B 312 -43.94 -16.71 -23.53
N VAL B 313 -44.16 -15.96 -22.45
CA VAL B 313 -44.65 -14.63 -22.65
C VAL B 313 -43.49 -13.70 -22.38
N VAL B 314 -43.40 -12.64 -23.16
CA VAL B 314 -42.32 -11.69 -22.96
C VAL B 314 -42.74 -10.65 -21.90
N GLU B 315 -41.88 -10.45 -20.90
CA GLU B 315 -42.17 -9.50 -19.85
C GLU B 315 -41.41 -8.21 -20.03
N ILE B 316 -40.16 -8.31 -20.51
CA ILE B 316 -39.34 -7.12 -20.70
C ILE B 316 -38.45 -7.34 -21.91
N VAL B 317 -38.34 -6.31 -22.76
CA VAL B 317 -37.39 -6.37 -23.85
C VAL B 317 -36.45 -5.16 -23.68
N GLU B 318 -35.17 -5.39 -23.42
CA GLU B 318 -34.21 -4.31 -23.32
C GLU B 318 -33.58 -4.24 -24.70
N ASN B 319 -33.63 -3.06 -25.30
CA ASN B 319 -33.09 -2.88 -26.63
C ASN B 319 -31.69 -2.34 -26.50
N LEU B 320 -30.72 -3.21 -26.72
CA LEU B 320 -29.33 -2.82 -26.62
C LEU B 320 -28.70 -2.42 -27.98
N GLY B 321 -29.51 -2.33 -29.02
CA GLY B 321 -28.98 -1.91 -30.32
C GLY B 321 -28.43 -3.08 -31.12
N SER B 322 -27.43 -3.76 -30.58
CA SER B 322 -26.85 -4.90 -31.27
C SER B 322 -27.57 -6.19 -30.89
N GLU B 323 -28.43 -6.15 -29.88
CA GLU B 323 -29.17 -7.36 -29.46
C GLU B 323 -30.33 -6.92 -28.58
N ARG B 324 -31.18 -7.88 -28.20
CA ARG B 324 -32.30 -7.57 -27.29
C ARG B 324 -32.20 -8.53 -26.12
N ILE B 325 -32.32 -8.03 -24.90
CA ILE B 325 -32.27 -8.94 -23.73
C ILE B 325 -33.75 -9.13 -23.39
N VAL B 326 -34.19 -10.38 -23.46
CA VAL B 326 -35.62 -10.65 -23.33
C VAL B 326 -35.93 -11.47 -22.08
N ARG B 327 -36.75 -10.91 -21.19
CA ARG B 327 -37.13 -11.55 -19.92
C ARG B 327 -38.37 -12.29 -20.25
N LEU B 328 -38.32 -13.61 -20.07
CA LEU B 328 -39.43 -14.48 -20.50
C LEU B 328 -40.04 -15.20 -19.31
N ARG B 329 -41.29 -15.63 -19.48
CA ARG B 329 -41.95 -16.36 -18.40
C ARG B 329 -42.81 -17.47 -18.99
N VAL B 330 -42.81 -18.63 -18.33
CA VAL B 330 -43.68 -19.74 -18.74
C VAL B 330 -44.26 -20.09 -17.39
N GLY B 331 -45.52 -19.70 -17.15
CA GLY B 331 -46.13 -19.96 -15.86
C GLY B 331 -45.35 -19.37 -14.68
N GLY B 332 -44.96 -20.23 -13.75
CA GLY B 332 -44.24 -19.77 -12.58
C GLY B 332 -42.72 -19.75 -12.75
N VAL B 333 -42.20 -19.97 -13.96
CA VAL B 333 -40.75 -19.94 -14.10
C VAL B 333 -40.36 -18.85 -15.08
N THR B 334 -39.16 -18.33 -14.89
CA THR B 334 -38.69 -17.29 -15.80
C THR B 334 -37.27 -17.55 -16.20
N PHE B 335 -36.90 -16.96 -17.34
CA PHE B 335 -35.55 -17.06 -17.80
C PHE B 335 -35.33 -15.90 -18.77
N VAL B 336 -34.07 -15.59 -19.00
CA VAL B 336 -33.68 -14.48 -19.86
C VAL B 336 -32.89 -14.95 -21.09
N GLY B 337 -33.28 -14.45 -22.25
CA GLY B 337 -32.57 -14.79 -23.47
C GLY B 337 -31.95 -13.54 -24.08
N SER B 338 -30.90 -13.73 -24.88
CA SER B 338 -30.27 -12.63 -25.58
C SER B 338 -30.63 -12.93 -27.04
N PHE B 339 -31.61 -12.22 -27.58
CA PHE B 339 -32.11 -12.49 -28.94
C PHE B 339 -31.53 -11.48 -29.94
N ARG B 340 -31.54 -11.86 -31.23
CA ARG B 340 -31.04 -10.95 -32.23
C ARG B 340 -31.97 -9.73 -32.40
N SER B 341 -31.41 -8.64 -32.88
CA SER B 341 -32.15 -7.39 -33.07
C SER B 341 -33.36 -7.54 -33.97
N GLU B 342 -33.24 -8.43 -34.96
CA GLU B 342 -34.33 -8.65 -35.89
C GLU B 342 -35.56 -9.28 -35.21
N SER B 343 -35.38 -9.80 -33.99
CA SER B 343 -36.51 -10.38 -33.25
C SER B 343 -37.62 -9.36 -33.05
N ARG B 344 -38.86 -9.80 -33.29
CA ARG B 344 -40.03 -8.94 -33.14
C ARG B 344 -40.72 -9.08 -31.77
N VAL B 345 -40.03 -9.61 -30.77
CA VAL B 345 -40.64 -9.74 -29.45
C VAL B 345 -41.16 -8.40 -28.91
N ARG B 346 -42.25 -8.47 -28.16
CA ARG B 346 -42.86 -7.26 -27.62
C ARG B 346 -43.36 -7.60 -26.24
N GLU B 347 -43.18 -6.66 -25.33
CA GLU B 347 -43.63 -6.86 -23.97
C GLU B 347 -45.10 -7.18 -24.00
N GLY B 348 -45.48 -8.23 -23.29
CA GLY B 348 -46.87 -8.64 -23.22
C GLY B 348 -47.32 -9.62 -24.28
N VAL B 349 -46.45 -9.89 -25.25
CA VAL B 349 -46.81 -10.79 -26.32
C VAL B 349 -46.06 -12.11 -26.20
N GLU B 350 -46.72 -13.22 -26.54
CA GLU B 350 -46.06 -14.50 -26.43
C GLU B 350 -45.11 -14.70 -27.58
N VAL B 351 -44.14 -15.57 -27.38
CA VAL B 351 -43.16 -15.89 -28.42
C VAL B 351 -42.66 -17.33 -28.19
N ASP B 352 -42.37 -18.05 -29.26
CA ASP B 352 -41.80 -19.41 -29.12
C ASP B 352 -40.28 -19.27 -28.95
N VAL B 353 -39.74 -20.00 -27.99
CA VAL B 353 -38.32 -19.93 -27.65
C VAL B 353 -37.67 -21.27 -27.89
N VAL B 354 -36.55 -21.23 -28.58
CA VAL B 354 -35.78 -22.44 -28.82
C VAL B 354 -34.56 -22.42 -27.88
N PHE B 355 -34.30 -23.57 -27.26
CA PHE B 355 -33.14 -23.78 -26.37
C PHE B 355 -32.12 -24.59 -27.16
N ASP B 356 -30.84 -24.15 -27.18
CA ASP B 356 -29.82 -24.90 -27.87
C ASP B 356 -29.40 -26.01 -26.88
N MET B 357 -30.02 -27.18 -27.04
CA MET B 357 -29.75 -28.28 -26.14
C MET B 357 -28.30 -28.73 -26.06
N LYS B 358 -27.48 -28.44 -27.06
CA LYS B 358 -26.08 -28.81 -26.97
C LYS B 358 -25.34 -27.96 -25.92
N LYS B 359 -25.96 -26.86 -25.51
CA LYS B 359 -25.29 -25.95 -24.57
C LYS B 359 -25.81 -25.96 -23.14
N ILE B 360 -26.66 -26.92 -22.79
CA ILE B 360 -27.19 -26.93 -21.43
C ILE B 360 -26.21 -27.56 -20.43
N HIS B 361 -26.51 -27.33 -19.15
CA HIS B 361 -25.73 -27.88 -18.08
C HIS B 361 -26.66 -28.51 -17.06
N ILE B 362 -26.19 -29.57 -16.44
CA ILE B 362 -27.00 -30.19 -15.42
C ILE B 362 -26.09 -30.31 -14.22
N PHE B 363 -26.61 -29.97 -13.05
CA PHE B 363 -25.84 -29.99 -11.79
C PHE B 363 -26.59 -30.78 -10.71
N ASP B 364 -25.83 -31.39 -9.79
CA ASP B 364 -26.44 -32.10 -8.65
C ASP B 364 -27.16 -31.08 -7.77
N LYS B 365 -28.42 -31.33 -7.45
CA LYS B 365 -29.23 -30.40 -6.66
C LYS B 365 -28.71 -30.23 -5.23
N THR B 366 -28.03 -31.25 -4.72
CA THR B 366 -27.54 -31.16 -3.35
C THR B 366 -26.13 -30.60 -3.27
N THR B 367 -25.23 -31.13 -4.09
CA THR B 367 -23.82 -30.67 -4.08
C THR B 367 -23.49 -29.45 -4.98
N GLY B 368 -24.29 -29.23 -6.03
CA GLY B 368 -24.06 -28.11 -6.95
C GLY B 368 -23.04 -28.44 -8.01
N LYS B 369 -22.41 -29.61 -7.90
CA LYS B 369 -21.40 -30.04 -8.84
C LYS B 369 -22.04 -30.33 -10.21
N ALA B 370 -21.36 -29.90 -11.26
CA ALA B 370 -21.80 -30.11 -12.64
C ALA B 370 -21.65 -31.56 -13.07
N ILE B 371 -22.70 -32.09 -13.73
CA ILE B 371 -22.65 -33.44 -14.28
C ILE B 371 -22.02 -33.18 -15.65
N PHE B 372 -22.50 -32.14 -16.33
CA PHE B 372 -21.94 -31.63 -17.58
C PHE B 372 -22.47 -30.17 -17.70
#